data_6MLQ
#
_entry.id   6MLQ
#
_cell.length_a   1
_cell.length_b   1
_cell.length_c   1
_cell.angle_alpha   90.00
_cell.angle_beta   90.00
_cell.angle_gamma   90.00
#
_symmetry.space_group_name_H-M   'P 1'
#
loop_
_entity.id
_entity.type
_entity.pdbx_description
1 polymer 'Tubulin alpha-1A chain'
2 polymer 'Tubulin beta chain'
3 polymer 'Kinesin-like protein KIF7'
4 non-polymer 'MAGNESIUM ION'
5 non-polymer "GUANOSINE-5'-TRIPHOSPHATE"
6 non-polymer "GUANOSINE-5'-DIPHOSPHATE"
7 non-polymer TAXOL
8 non-polymer "ADENOSINE-5'-DIPHOSPHATE"
#
loop_
_entity_poly.entity_id
_entity_poly.type
_entity_poly.pdbx_seq_one_letter_code
_entity_poly.pdbx_strand_id
1 'polypeptide(L)'
;MRECISIHVGQAGVQIGNACWELYCLEHGIQPDGQMPSDKTIGGGDDSFNTFFSETGAGKHVPRAVFVDLEPTVIDEVRT
GTYRQLFHPEQLITGKEDAANNYARGHYTIGKEIIDLVLDRIRKLADQCTGLQGFSVFHSFGGGTGSGFTSLLMERLSVD
YGKKSKLEFSIYPAPQVSTAVVEPYNSILTTHTTLEHSDCAFMVDNEAIYDICRRNLDIERPTYTNLNRLIGQIVSSITA
SLRFDGALNVDLTEFQTNLVPYPRAHFPLATYAPVISAEKAYHEQLSVAEITNACFEPANQMVKCDPRHGKYMACCLLYR
GDVVPKDVNAAIATIKTKRTIQFVDWCPTGFKVGINYEPPTVVPGGDLAKVQRAVCMLSNTTAIAEAWARLDHKFDLMYA
KRAFVHWYVGEGMEEGEFSEAREDMAALEKDYEEVGVDSVEGEGEEEGEEY
;
A
2 'polypeptide(L)'
;MREIVHIQAGQCGNQIGAKFWEVISDEHGIDPTGSYHGDSDLQLERINVYYNEAAGNKYVPRAILVDLEPGTMDSVRSGP
FGQIFRPDNFVFGQSGAGNNWAKGHYTEGAELVDSVLDVVRKESESCDCLQGFQLTHSLGGGTGSGMGTLLISKIREEYP
DRIMNTFSVVPSPKVSDTVVEPYNATLSVHQLVENTDETYCIDNEALYDICFRTLKLTTPTYGDLNHLVSATMSGVTTCL
RFPGQLNADLRKLAVNMVPFPRLHFFMPGFAPLTSRGSQQYRALTVPELTQQMFDAKNMMAACDPRHGRYLTVAAVFRGR
MSMKEVDEQMLNVQNKNSSYFVEWIPNNVKTAVCDIPPRGLKMSATFIGNSTAIQELFKRISEQFTAMFRRKAFLHWYTG
EGMDEMEFTEAESNMNDLVSEYQQYQDATADEQGEFEEEGEEDEA
;
B
3 'polypeptide(L)'
;GMGLEAQRLPGAEEAPVRVALRVRPLLPKELLHGHQSCLQVEPGLGRVTLGRDRHFGFHVVLAEDAGQEAVYQACVQPLL
EAFFEGFNATVFAYGQTGSGKTYTMGEASVASLLEDEQGIVPRAMAEAFKLIDENDLLDCLVHVSYLEVYKEEFRDLLEV
GTASRDIQLREDERGNVVLCGVKEVDVEGLDEVLSLLEMGNAARHTGATHLNHLSSRSHTVFTVTLEQRGRAPSRLPRPA
PGQLLVSKFHFVDLAGSERVLKTGSTGERLKESIQINSSLLALGNVISALGDPQRRGSHIPYRDSKITRILKDSLGGNAK
TVMIACVSPSSSDFDETLNTLNYASRAQNIRNRATVNWRPEAERPPEETASGARGPPRHRSETRIIHRGRRAPGPATAS
;
C
#
# COMPACT_ATOMS: atom_id res chain seq x y z
N ARG A 2 -35.24 15.34 -19.36
CA ARG A 2 -34.33 14.36 -18.79
C ARG A 2 -33.17 14.06 -19.72
N GLU A 3 -31.97 14.46 -19.32
CA GLU A 3 -30.77 14.25 -20.12
C GLU A 3 -29.78 13.35 -19.40
N CYS A 4 -30.30 12.34 -18.71
CA CYS A 4 -29.49 11.37 -17.96
C CYS A 4 -28.47 12.06 -17.05
N ILE A 5 -28.97 12.84 -16.09
CA ILE A 5 -28.12 13.55 -15.15
C ILE A 5 -27.01 12.61 -14.69
N SER A 6 -25.76 13.01 -14.93
CA SER A 6 -24.64 12.10 -14.84
C SER A 6 -23.75 12.43 -13.65
N ILE A 7 -22.83 11.50 -13.38
CA ILE A 7 -21.82 11.64 -12.35
C ILE A 7 -20.45 11.43 -12.95
N HIS A 8 -19.44 11.99 -12.30
CA HIS A 8 -18.07 11.84 -12.75
C HIS A 8 -17.16 11.79 -11.53
N VAL A 9 -16.18 10.89 -11.56
CA VAL A 9 -15.26 10.70 -10.45
C VAL A 9 -13.99 10.09 -11.01
N GLY A 10 -12.86 10.45 -10.43
CA GLY A 10 -11.56 10.04 -10.94
C GLY A 10 -10.98 11.10 -11.84
N GLN A 11 -9.65 11.30 -11.76
CA GLN A 11 -8.98 12.30 -12.60
C GLN A 11 -9.16 11.96 -14.07
N ALA A 12 -9.11 10.66 -14.39
CA ALA A 12 -9.55 10.18 -15.70
C ALA A 12 -11.01 10.57 -15.95
N GLY A 13 -11.87 10.30 -14.97
CA GLY A 13 -13.27 10.62 -15.14
C GLY A 13 -13.55 12.11 -15.18
N VAL A 14 -12.82 12.90 -14.39
CA VAL A 14 -13.07 14.34 -14.36
C VAL A 14 -12.58 14.99 -15.64
N GLN A 15 -11.39 14.62 -16.12
CA GLN A 15 -10.92 15.20 -17.37
C GLN A 15 -11.69 14.68 -18.57
N ILE A 16 -12.15 13.42 -18.51
CA ILE A 16 -12.91 12.90 -19.64
C ILE A 16 -14.29 13.54 -19.66
N GLY A 17 -14.80 13.92 -18.50
CA GLY A 17 -15.99 14.73 -18.48
C GLY A 17 -15.75 16.16 -18.84
N ASN A 18 -14.51 16.64 -18.66
CA ASN A 18 -14.18 18.00 -19.07
C ASN A 18 -14.25 18.12 -20.59
N ALA A 19 -13.58 17.22 -21.30
CA ALA A 19 -13.62 17.29 -22.75
C ALA A 19 -14.99 16.88 -23.29
N CYS A 20 -15.63 15.89 -22.65
CA CYS A 20 -16.96 15.47 -23.05
C CYS A 20 -17.96 16.60 -22.86
N TRP A 21 -17.82 17.36 -21.78
CA TRP A 21 -18.72 18.44 -21.46
C TRP A 21 -18.47 19.64 -22.35
N GLU A 22 -17.22 19.85 -22.76
CA GLU A 22 -16.93 20.85 -23.78
C GLU A 22 -17.63 20.50 -25.08
N LEU A 23 -17.61 19.21 -25.45
CA LEU A 23 -18.31 18.78 -26.65
C LEU A 23 -19.81 18.96 -26.50
N TYR A 24 -20.35 18.66 -25.31
CA TYR A 24 -21.76 18.93 -25.01
C TYR A 24 -22.11 20.39 -25.18
N CYS A 25 -21.33 21.28 -24.58
CA CYS A 25 -21.67 22.69 -24.61
C CYS A 25 -21.31 23.35 -25.93
N LEU A 26 -20.68 22.63 -26.84
CA LEU A 26 -20.56 23.16 -28.19
C LEU A 26 -21.62 22.62 -29.14
N GLU A 27 -22.03 21.36 -28.98
CA GLU A 27 -22.88 20.72 -29.97
C GLU A 27 -24.33 21.19 -29.94
N HIS A 28 -24.76 21.92 -28.92
CA HIS A 28 -26.08 22.52 -28.92
C HIS A 28 -26.02 24.03 -29.03
N GLY A 29 -24.84 24.60 -29.22
CA GLY A 29 -24.69 26.03 -29.15
C GLY A 29 -24.90 26.56 -27.76
N ILE A 30 -24.47 25.82 -26.74
CA ILE A 30 -24.59 26.29 -25.36
C ILE A 30 -23.59 27.43 -25.19
N GLN A 31 -24.13 28.63 -25.07
CA GLN A 31 -23.34 29.80 -24.74
C GLN A 31 -22.78 29.65 -23.32
N PRO A 32 -21.69 30.34 -22.99
CA PRO A 32 -21.28 30.41 -21.57
C PRO A 32 -22.24 31.21 -20.68
N ASP A 33 -23.30 31.79 -21.22
CA ASP A 33 -24.39 32.33 -20.43
C ASP A 33 -25.68 31.56 -20.73
N HIS A 61 -28.01 27.29 -20.05
CA HIS A 61 -28.83 26.94 -18.90
C HIS A 61 -27.89 26.52 -17.75
N VAL A 62 -28.18 25.37 -17.14
CA VAL A 62 -27.51 24.88 -15.95
C VAL A 62 -26.68 23.65 -16.38
N PRO A 63 -25.48 23.47 -15.85
CA PRO A 63 -24.84 22.16 -15.95
C PRO A 63 -25.65 21.12 -15.18
N ARG A 64 -25.98 20.04 -15.88
CA ARG A 64 -26.96 19.08 -15.40
C ARG A 64 -26.31 17.86 -14.77
N ALA A 65 -25.17 18.04 -14.11
CA ALA A 65 -24.42 16.91 -13.58
C ALA A 65 -23.59 17.37 -12.38
N VAL A 66 -22.75 16.48 -11.86
CA VAL A 66 -21.92 16.77 -10.70
C VAL A 66 -20.51 16.21 -10.94
N PHE A 67 -19.54 16.87 -10.32
CA PHE A 67 -18.13 16.49 -10.37
C PHE A 67 -17.63 16.28 -8.96
N VAL A 68 -17.18 15.06 -8.66
CA VAL A 68 -16.73 14.69 -7.32
C VAL A 68 -15.37 14.04 -7.45
N ASP A 69 -14.42 14.46 -6.61
CA ASP A 69 -13.11 13.82 -6.56
C ASP A 69 -12.50 14.00 -5.18
N LEU A 70 -11.68 13.02 -4.77
CA LEU A 70 -11.03 13.07 -3.47
C LEU A 70 -9.78 13.93 -3.47
N GLU A 71 -9.42 14.55 -4.59
CA GLU A 71 -8.40 15.57 -4.64
C GLU A 71 -8.99 16.86 -5.16
N PRO A 72 -8.77 17.99 -4.48
CA PRO A 72 -9.35 19.25 -4.95
C PRO A 72 -8.69 19.82 -6.20
N THR A 73 -7.51 19.34 -6.58
CA THR A 73 -6.75 19.99 -7.65
C THR A 73 -7.37 19.73 -9.02
N VAL A 74 -7.76 18.49 -9.27
CA VAL A 74 -8.33 18.11 -10.56
C VAL A 74 -9.67 18.80 -10.76
N ILE A 75 -10.42 18.99 -9.69
CA ILE A 75 -11.65 19.76 -9.78
C ILE A 75 -11.34 21.25 -9.97
N ASP A 76 -10.30 21.75 -9.32
CA ASP A 76 -9.92 23.15 -9.44
C ASP A 76 -9.30 23.49 -10.78
N GLU A 77 -9.00 22.48 -11.60
CA GLU A 77 -8.77 22.71 -13.03
C GLU A 77 -9.91 23.50 -13.65
N VAL A 78 -11.12 22.93 -13.60
CA VAL A 78 -12.28 23.58 -14.18
C VAL A 78 -12.70 24.77 -13.34
N ARG A 79 -12.42 24.74 -12.04
CA ARG A 79 -12.75 25.85 -11.16
C ARG A 79 -11.73 26.98 -11.19
N THR A 80 -10.92 27.09 -12.24
CA THR A 80 -9.98 28.19 -12.32
C THR A 80 -10.25 29.09 -13.52
N GLY A 81 -10.25 28.55 -14.74
CA GLY A 81 -10.35 29.38 -15.92
C GLY A 81 -11.63 29.16 -16.70
N THR A 82 -11.51 28.37 -17.78
CA THR A 82 -12.66 28.08 -18.64
C THR A 82 -13.68 27.27 -17.88
N TYR A 83 -14.95 27.65 -18.04
CA TYR A 83 -16.19 27.02 -17.57
C TYR A 83 -16.42 27.22 -16.08
N ARG A 84 -15.47 27.85 -15.37
CA ARG A 84 -15.76 28.35 -14.02
C ARG A 84 -16.84 29.42 -14.08
N GLN A 85 -16.73 30.32 -15.06
CA GLN A 85 -17.74 31.36 -15.24
C GLN A 85 -19.09 30.77 -15.63
N LEU A 86 -19.08 29.67 -16.39
CA LEU A 86 -20.32 29.02 -16.80
C LEU A 86 -21.06 28.43 -15.62
N PHE A 87 -20.36 27.68 -14.78
CA PHE A 87 -21.03 26.86 -13.78
C PHE A 87 -21.41 27.71 -12.58
N HIS A 88 -22.58 27.43 -12.03
CA HIS A 88 -22.82 27.78 -10.64
C HIS A 88 -21.90 26.89 -9.80
N PRO A 89 -20.99 27.45 -9.00
CA PRO A 89 -19.96 26.63 -8.37
C PRO A 89 -20.39 25.97 -7.08
N GLU A 90 -21.59 26.26 -6.59
CA GLU A 90 -22.05 25.85 -5.27
C GLU A 90 -22.50 24.39 -5.23
N GLN A 91 -22.18 23.61 -6.26
CA GLN A 91 -22.79 22.31 -6.46
C GLN A 91 -21.80 21.24 -6.89
N LEU A 92 -20.51 21.56 -6.98
CA LEU A 92 -19.49 20.56 -7.22
C LEU A 92 -18.84 20.19 -5.89
N ILE A 93 -18.33 18.98 -5.81
CA ILE A 93 -17.93 18.39 -4.54
C ILE A 93 -16.46 18.02 -4.61
N THR A 94 -15.70 18.37 -3.58
CA THR A 94 -14.32 17.97 -3.45
C THR A 94 -14.09 17.27 -2.13
N GLY A 95 -12.95 16.60 -2.03
CA GLY A 95 -12.49 16.08 -0.76
C GLY A 95 -11.11 16.62 -0.43
N LYS A 96 -10.98 17.24 0.73
CA LYS A 96 -9.71 17.83 1.13
C LYS A 96 -8.73 16.83 1.69
N GLU A 97 -9.12 15.55 1.78
CA GLU A 97 -8.24 14.52 2.29
C GLU A 97 -7.44 13.92 1.15
N ASP A 98 -6.81 12.77 1.40
CA ASP A 98 -5.75 12.25 0.55
C ASP A 98 -6.31 11.73 -0.77
N ALA A 99 -5.39 11.44 -1.70
CA ALA A 99 -5.80 10.88 -2.99
C ALA A 99 -6.25 9.44 -2.83
N ALA A 100 -5.47 8.63 -2.11
CA ALA A 100 -5.83 7.30 -1.60
C ALA A 100 -6.18 6.33 -2.74
N ASN A 101 -5.17 6.04 -3.56
CA ASN A 101 -5.37 5.16 -4.71
C ASN A 101 -5.09 3.71 -4.35
N ASN A 102 -6.10 3.12 -3.72
CA ASN A 102 -6.20 1.73 -3.30
C ASN A 102 -7.66 1.47 -2.90
N TYR A 103 -8.23 0.35 -3.36
CA TYR A 103 -9.68 0.11 -3.26
C TYR A 103 -10.16 0.11 -1.82
N ALA A 104 -9.33 -0.42 -0.92
CA ALA A 104 -9.71 -0.50 0.49
C ALA A 104 -9.86 0.88 1.09
N ARG A 105 -8.83 1.70 0.94
CA ARG A 105 -8.85 3.03 1.52
C ARG A 105 -9.85 3.92 0.80
N GLY A 106 -9.99 3.74 -0.51
CA GLY A 106 -10.92 4.56 -1.27
C GLY A 106 -12.36 4.24 -0.98
N HIS A 107 -12.66 2.97 -0.74
CA HIS A 107 -14.02 2.57 -0.41
C HIS A 107 -14.33 2.94 1.04
N TYR A 108 -13.45 2.58 1.94
CA TYR A 108 -13.64 2.78 3.37
C TYR A 108 -13.15 4.17 3.77
N THR A 109 -12.84 4.33 5.04
CA THR A 109 -12.90 5.53 5.89
C THR A 109 -12.64 6.88 5.21
N ILE A 110 -11.59 6.97 4.38
CA ILE A 110 -11.22 8.28 3.85
C ILE A 110 -12.19 8.79 2.80
N GLY A 111 -13.05 7.94 2.26
CA GLY A 111 -14.12 8.36 1.39
C GLY A 111 -15.46 8.44 2.05
N LYS A 112 -15.54 8.07 3.34
CA LYS A 112 -16.80 8.10 4.06
C LYS A 112 -17.30 9.53 4.27
N GLU A 113 -16.37 10.48 4.42
CA GLU A 113 -16.74 11.85 4.77
C GLU A 113 -17.34 12.64 3.62
N ILE A 114 -17.38 12.07 2.41
CA ILE A 114 -17.79 12.82 1.24
C ILE A 114 -19.13 12.34 0.68
N ILE A 115 -19.48 11.07 0.90
CA ILE A 115 -20.57 10.40 0.18
C ILE A 115 -21.93 11.04 0.45
N ASP A 116 -22.15 11.57 1.66
CA ASP A 116 -23.47 12.06 2.04
C ASP A 116 -23.80 13.37 1.32
N LEU A 117 -22.80 14.25 1.18
CA LEU A 117 -23.01 15.51 0.48
C LEU A 117 -23.27 15.27 -1.00
N VAL A 118 -22.58 14.28 -1.57
CA VAL A 118 -22.79 13.88 -2.95
C VAL A 118 -24.19 13.34 -3.14
N LEU A 119 -24.65 12.52 -2.19
CA LEU A 119 -26.00 11.96 -2.25
C LEU A 119 -27.05 13.04 -2.16
N ASP A 120 -26.84 14.03 -1.30
CA ASP A 120 -27.82 15.10 -1.19
C ASP A 120 -27.85 15.98 -2.44
N ARG A 121 -26.70 16.20 -3.07
CA ARG A 121 -26.71 16.99 -4.30
C ARG A 121 -27.34 16.22 -5.46
N ILE A 122 -27.09 14.92 -5.56
CA ILE A 122 -27.71 14.20 -6.66
C ILE A 122 -29.20 13.97 -6.40
N ARG A 123 -29.63 13.95 -5.13
CA ARG A 123 -31.07 13.91 -4.91
C ARG A 123 -31.71 15.26 -5.14
N LYS A 124 -30.97 16.34 -4.95
CA LYS A 124 -31.45 17.65 -5.40
C LYS A 124 -31.65 17.68 -6.91
N LEU A 125 -30.70 17.09 -7.66
CA LEU A 125 -30.89 17.01 -9.09
C LEU A 125 -31.98 16.02 -9.49
N ALA A 126 -32.22 15.00 -8.68
CA ALA A 126 -33.34 14.11 -8.95
C ALA A 126 -34.67 14.80 -8.67
N ASP A 127 -34.68 15.75 -7.74
CA ASP A 127 -35.90 16.49 -7.47
C ASP A 127 -36.16 17.52 -8.55
N GLN A 128 -35.12 18.22 -9.01
CA GLN A 128 -35.35 19.29 -9.97
C GLN A 128 -35.69 18.74 -11.35
N CYS A 129 -35.18 17.56 -11.69
CA CYS A 129 -35.60 16.95 -12.94
C CYS A 129 -37.00 16.37 -12.79
N THR A 130 -37.62 16.05 -13.93
CA THR A 130 -38.98 15.54 -13.96
C THR A 130 -39.07 14.47 -15.04
N GLY A 131 -39.19 13.22 -14.61
CA GLY A 131 -39.21 12.12 -15.56
C GLY A 131 -37.85 11.91 -16.19
N LEU A 132 -36.82 11.77 -15.36
CA LEU A 132 -35.47 11.52 -15.82
C LEU A 132 -35.36 10.15 -16.46
N GLN A 133 -34.24 9.92 -17.13
CA GLN A 133 -34.05 8.65 -17.81
C GLN A 133 -33.11 7.69 -17.08
N GLY A 134 -31.96 8.16 -16.61
CA GLY A 134 -31.10 7.26 -15.87
C GLY A 134 -29.77 7.87 -15.50
N PHE A 135 -28.78 7.01 -15.35
CA PHE A 135 -27.45 7.37 -14.86
C PHE A 135 -26.40 6.84 -15.80
N SER A 136 -25.63 7.74 -16.40
CA SER A 136 -24.37 7.40 -17.07
C SER A 136 -23.24 7.67 -16.10
N VAL A 137 -22.40 6.67 -15.87
CA VAL A 137 -21.37 6.70 -14.83
C VAL A 137 -20.00 6.63 -15.49
N PHE A 138 -19.17 7.63 -15.22
CA PHE A 138 -17.83 7.72 -15.79
C PHE A 138 -16.81 7.70 -14.65
N HIS A 139 -16.04 6.61 -14.58
CA HIS A 139 -14.98 6.47 -13.60
C HIS A 139 -13.89 5.62 -14.22
N SER A 140 -13.01 5.08 -13.39
CA SER A 140 -11.99 4.16 -13.88
C SER A 140 -11.62 3.18 -12.79
N PHE A 141 -10.91 2.13 -13.20
CA PHE A 141 -10.39 1.14 -12.26
C PHE A 141 -8.94 1.43 -11.88
N GLY A 142 -8.25 2.26 -12.65
CA GLY A 142 -6.82 2.42 -12.53
C GLY A 142 -6.40 3.24 -11.33
N GLY A 143 -6.57 2.68 -10.15
CA GLY A 143 -6.39 3.43 -8.93
C GLY A 143 -7.64 3.30 -8.09
N GLY A 144 -7.48 3.13 -6.79
CA GLY A 144 -8.62 2.82 -5.96
C GLY A 144 -9.55 3.98 -5.69
N THR A 145 -9.12 5.21 -5.98
CA THR A 145 -9.88 6.39 -5.59
C THR A 145 -11.20 6.49 -6.33
N GLY A 146 -11.15 6.40 -7.64
CA GLY A 146 -12.38 6.36 -8.40
C GLY A 146 -12.96 4.97 -8.57
N SER A 147 -12.72 4.08 -7.61
CA SER A 147 -13.29 2.75 -7.68
C SER A 147 -14.17 2.40 -6.50
N GLY A 148 -13.72 2.64 -5.28
CA GLY A 148 -14.51 2.22 -4.12
C GLY A 148 -15.57 3.21 -3.71
N PHE A 149 -15.20 4.49 -3.82
CA PHE A 149 -16.18 5.57 -3.77
C PHE A 149 -17.26 5.36 -4.81
N THR A 150 -16.84 5.01 -6.03
CA THR A 150 -17.75 4.61 -7.10
C THR A 150 -18.59 3.40 -6.70
N SER A 151 -17.97 2.45 -6.01
CA SER A 151 -18.62 1.19 -5.67
C SER A 151 -19.78 1.40 -4.71
N LEU A 152 -19.51 2.03 -3.58
CA LEU A 152 -20.61 2.28 -2.66
C LEU A 152 -21.54 3.39 -3.15
N LEU A 153 -21.09 4.24 -4.08
CA LEU A 153 -22.02 5.18 -4.70
C LEU A 153 -23.05 4.45 -5.53
N MET A 154 -22.61 3.49 -6.34
CA MET A 154 -23.54 2.67 -7.11
C MET A 154 -24.38 1.79 -6.20
N GLU A 155 -23.83 1.35 -5.07
CA GLU A 155 -24.61 0.57 -4.12
C GLU A 155 -25.74 1.40 -3.51
N ARG A 156 -25.42 2.63 -3.10
CA ARG A 156 -26.45 3.48 -2.53
C ARG A 156 -27.44 3.93 -3.58
N LEU A 157 -27.02 4.02 -4.84
CA LEU A 157 -27.99 4.31 -5.89
C LEU A 157 -28.88 3.11 -6.18
N SER A 158 -28.38 1.89 -6.00
CA SER A 158 -29.24 0.73 -6.14
C SER A 158 -30.21 0.62 -4.97
N VAL A 159 -29.82 1.14 -3.81
CA VAL A 159 -30.76 1.21 -2.69
C VAL A 159 -31.81 2.28 -2.96
N ASP A 160 -31.38 3.46 -3.39
CA ASP A 160 -32.28 4.60 -3.53
C ASP A 160 -33.08 4.50 -4.83
N TYR A 161 -32.40 4.49 -5.96
CA TYR A 161 -33.00 4.68 -7.26
C TYR A 161 -32.81 3.46 -8.14
N GLY A 162 -32.92 2.27 -7.54
CA GLY A 162 -32.65 1.03 -8.25
C GLY A 162 -33.61 0.71 -9.37
N LYS A 163 -34.79 1.32 -9.36
CA LYS A 163 -35.75 1.16 -10.45
C LYS A 163 -35.54 2.24 -11.50
N LYS A 164 -34.30 2.37 -11.97
CA LYS A 164 -33.93 3.36 -12.98
C LYS A 164 -32.95 2.71 -13.94
N SER A 165 -32.30 3.54 -14.75
CA SER A 165 -31.31 3.08 -15.71
C SER A 165 -29.91 3.39 -15.18
N LYS A 166 -29.07 2.38 -15.13
CA LYS A 166 -27.70 2.53 -14.65
C LYS A 166 -26.76 2.11 -15.78
N LEU A 167 -26.20 3.09 -16.47
CA LEU A 167 -25.13 2.85 -17.43
C LEU A 167 -23.82 3.25 -16.79
N GLU A 168 -22.81 2.40 -16.93
CA GLU A 168 -21.50 2.68 -16.37
C GLU A 168 -20.44 2.51 -17.45
N PHE A 169 -19.57 3.51 -17.55
CA PHE A 169 -18.33 3.37 -18.30
C PHE A 169 -17.15 3.55 -17.37
N SER A 170 -16.27 2.57 -17.36
CA SER A 170 -15.00 2.67 -16.66
C SER A 170 -13.89 2.39 -17.65
N ILE A 171 -12.72 2.96 -17.40
CA ILE A 171 -11.57 2.68 -18.24
C ILE A 171 -10.91 1.40 -17.73
N TYR A 172 -10.85 0.41 -18.60
CA TYR A 172 -10.43 -0.95 -18.28
C TYR A 172 -8.92 -0.98 -18.10
N PRO A 173 -8.41 -1.90 -17.27
CA PRO A 173 -6.96 -2.03 -17.11
C PRO A 173 -6.28 -2.47 -18.39
N ALA A 174 -5.00 -2.09 -18.49
CA ALA A 174 -4.29 -2.50 -19.68
C ALA A 174 -3.63 -3.85 -19.46
N PRO A 175 -3.58 -4.70 -20.49
CA PRO A 175 -2.90 -5.99 -20.35
C PRO A 175 -1.40 -5.84 -20.20
N GLN A 176 -0.77 -5.01 -21.04
CA GLN A 176 0.66 -4.73 -20.87
C GLN A 176 1.04 -3.26 -21.05
N VAL A 177 0.09 -2.37 -21.26
CA VAL A 177 0.38 -0.94 -21.37
C VAL A 177 0.10 -0.25 -20.03
N SER A 178 0.04 -1.03 -18.95
CA SER A 178 -0.47 -0.60 -17.66
C SER A 178 0.40 0.47 -17.04
N THR A 179 -0.21 1.24 -16.14
CA THR A 179 0.44 2.39 -15.54
C THR A 179 0.58 2.27 -14.04
N ALA A 180 -0.48 1.91 -13.33
CA ALA A 180 -0.40 1.78 -11.89
C ALA A 180 0.30 0.48 -11.52
N VAL A 181 1.07 0.52 -10.44
CA VAL A 181 1.67 -0.69 -9.90
C VAL A 181 0.59 -1.60 -9.35
N VAL A 182 -0.42 -1.02 -8.73
CA VAL A 182 -1.44 -1.75 -8.02
C VAL A 182 -2.65 -1.97 -8.92
N GLU A 183 -2.42 -1.87 -10.24
CA GLU A 183 -3.43 -1.98 -11.29
C GLU A 183 -4.45 -3.12 -11.16
N PRO A 184 -4.08 -4.40 -10.85
CA PRO A 184 -5.13 -5.43 -10.78
C PRO A 184 -6.10 -5.27 -9.62
N TYR A 185 -5.59 -5.10 -8.39
CA TYR A 185 -6.34 -5.37 -7.16
C TYR A 185 -7.60 -4.52 -7.07
N ASN A 186 -7.51 -3.28 -7.54
CA ASN A 186 -8.67 -2.39 -7.60
C ASN A 186 -9.75 -2.97 -8.49
N SER A 187 -9.42 -3.29 -9.74
CA SER A 187 -10.40 -3.85 -10.67
C SER A 187 -10.94 -5.19 -10.20
N ILE A 188 -10.08 -5.99 -9.56
CA ILE A 188 -10.49 -7.30 -9.06
C ILE A 188 -11.51 -7.15 -7.96
N LEU A 189 -11.32 -6.18 -7.08
CA LEU A 189 -12.36 -5.93 -6.10
C LEU A 189 -13.53 -5.15 -6.68
N THR A 190 -13.37 -4.54 -7.85
CA THR A 190 -14.45 -3.77 -8.44
C THR A 190 -15.38 -4.63 -9.28
N THR A 191 -14.99 -5.87 -9.58
CA THR A 191 -15.87 -6.72 -10.38
C THR A 191 -17.14 -7.15 -9.65
N HIS A 192 -17.23 -6.94 -8.33
CA HIS A 192 -18.47 -7.20 -7.63
C HIS A 192 -19.47 -6.08 -7.82
N THR A 193 -19.02 -4.83 -7.69
CA THR A 193 -19.94 -3.72 -7.69
C THR A 193 -20.45 -3.37 -9.08
N THR A 194 -19.76 -3.82 -10.13
CA THR A 194 -20.27 -3.65 -11.47
C THR A 194 -21.30 -4.70 -11.85
N LEU A 195 -21.42 -5.75 -11.04
CA LEU A 195 -22.34 -6.83 -11.35
C LEU A 195 -23.76 -6.48 -10.92
N GLU A 196 -23.97 -6.24 -9.63
CA GLU A 196 -25.30 -6.13 -9.06
C GLU A 196 -25.73 -4.68 -8.83
N HIS A 197 -25.15 -3.74 -9.57
CA HIS A 197 -25.56 -2.36 -9.40
C HIS A 197 -25.76 -1.61 -10.70
N SER A 198 -25.35 -2.16 -11.83
CA SER A 198 -25.71 -1.62 -13.13
C SER A 198 -26.08 -2.79 -14.03
N ASP A 199 -26.55 -2.46 -15.23
CA ASP A 199 -26.94 -3.49 -16.18
C ASP A 199 -26.12 -3.44 -17.45
N CYS A 200 -26.07 -2.30 -18.11
CA CYS A 200 -25.19 -2.11 -19.25
C CYS A 200 -23.89 -1.48 -18.79
N ALA A 201 -22.77 -1.95 -19.36
CA ALA A 201 -21.48 -1.47 -18.93
C ALA A 201 -20.51 -1.41 -20.10
N PHE A 202 -19.70 -0.36 -20.12
CA PHE A 202 -18.74 -0.10 -21.18
C PHE A 202 -17.34 -0.09 -20.58
N MET A 203 -16.40 -0.80 -21.20
CA MET A 203 -15.02 -0.88 -20.71
C MET A 203 -14.08 -0.71 -21.91
N VAL A 204 -13.74 0.54 -22.19
CA VAL A 204 -12.86 0.89 -23.31
C VAL A 204 -11.49 1.22 -22.75
N ASP A 205 -10.44 0.71 -23.38
CA ASP A 205 -9.08 0.81 -22.88
C ASP A 205 -8.23 1.70 -23.78
N ASN A 206 -7.17 2.24 -23.16
CA ASN A 206 -6.25 3.20 -23.79
C ASN A 206 -5.56 2.63 -25.03
N GLU A 207 -5.26 1.33 -25.02
CA GLU A 207 -4.23 0.74 -25.88
C GLU A 207 -4.58 0.86 -27.37
N ALA A 208 -5.73 0.33 -27.75
CA ALA A 208 -6.08 0.44 -29.15
C ALA A 208 -6.55 1.84 -29.52
N ILE A 209 -6.83 2.70 -28.55
CA ILE A 209 -7.07 4.10 -28.88
C ILE A 209 -5.76 4.77 -29.29
N TYR A 210 -4.66 4.40 -28.63
CA TYR A 210 -3.34 4.79 -29.12
C TYR A 210 -3.09 4.23 -30.51
N ASP A 211 -3.55 3.01 -30.76
CA ASP A 211 -3.43 2.44 -32.10
C ASP A 211 -4.24 3.23 -33.11
N ILE A 212 -5.40 3.76 -32.69
CA ILE A 212 -6.21 4.59 -33.58
C ILE A 212 -5.50 5.90 -33.88
N CYS A 213 -4.96 6.53 -32.83
CA CYS A 213 -4.30 7.82 -33.00
C CYS A 213 -3.01 7.71 -33.80
N ARG A 214 -2.36 6.55 -33.78
CA ARG A 214 -1.25 6.34 -34.69
C ARG A 214 -1.73 6.05 -36.10
N ARG A 215 -2.66 5.10 -36.25
CA ARG A 215 -3.05 4.62 -37.57
C ARG A 215 -3.96 5.61 -38.29
N ASN A 216 -5.14 5.84 -37.73
CA ASN A 216 -6.21 6.45 -38.50
C ASN A 216 -6.39 7.93 -38.22
N LEU A 217 -5.83 8.44 -37.14
CA LEU A 217 -5.86 9.86 -36.89
C LEU A 217 -4.64 10.56 -37.48
N ASP A 218 -3.55 9.80 -37.64
CA ASP A 218 -2.31 10.22 -38.30
C ASP A 218 -1.68 11.43 -37.58
N ILE A 219 -1.45 11.26 -36.28
CA ILE A 219 -0.56 12.11 -35.51
C ILE A 219 0.34 11.21 -34.68
N GLU A 220 1.40 11.81 -34.14
CA GLU A 220 2.35 11.08 -33.30
C GLU A 220 2.51 11.74 -31.95
N ARG A 221 1.48 12.43 -31.47
CA ARG A 221 1.45 12.93 -30.11
C ARG A 221 0.09 12.57 -29.50
N PRO A 222 -0.06 11.34 -29.01
CA PRO A 222 -1.30 11.00 -28.29
C PRO A 222 -1.21 11.46 -26.85
N THR A 223 -1.98 12.48 -26.50
CA THR A 223 -2.14 12.94 -25.14
C THR A 223 -3.59 12.66 -24.74
N TYR A 224 -3.80 12.45 -23.44
CA TYR A 224 -5.12 12.12 -22.88
C TYR A 224 -6.20 13.11 -23.29
N THR A 225 -5.83 14.36 -23.54
CA THR A 225 -6.73 15.40 -24.01
C THR A 225 -7.38 15.11 -25.37
N ASN A 226 -6.91 14.10 -26.10
CA ASN A 226 -7.58 13.66 -27.32
C ASN A 226 -8.36 12.37 -27.13
N LEU A 227 -7.90 11.51 -26.23
CA LEU A 227 -8.64 10.28 -25.94
C LEU A 227 -9.95 10.64 -25.26
N ASN A 228 -9.91 11.66 -24.41
CA ASN A 228 -11.11 12.18 -23.78
C ASN A 228 -12.08 12.72 -24.82
N ARG A 229 -11.54 13.35 -25.88
CA ARG A 229 -12.38 13.79 -26.99
C ARG A 229 -13.03 12.62 -27.68
N LEU A 230 -12.32 11.50 -27.78
CA LEU A 230 -12.89 10.35 -28.49
C LEU A 230 -14.04 9.72 -27.69
N ILE A 231 -13.85 9.56 -26.39
CA ILE A 231 -14.95 9.01 -25.58
C ILE A 231 -16.10 10.01 -25.49
N GLY A 232 -15.80 11.31 -25.45
CA GLY A 232 -16.85 12.30 -25.54
C GLY A 232 -17.59 12.26 -26.87
N GLN A 233 -16.88 11.92 -27.93
CA GLN A 233 -17.50 11.76 -29.24
C GLN A 233 -18.44 10.57 -29.27
N ILE A 234 -18.05 9.46 -28.61
CA ILE A 234 -18.91 8.29 -28.68
C ILE A 234 -20.15 8.49 -27.78
N VAL A 235 -20.00 9.23 -26.68
CA VAL A 235 -21.16 9.46 -25.84
C VAL A 235 -22.06 10.52 -26.45
N SER A 236 -21.49 11.49 -27.17
CA SER A 236 -22.29 12.42 -27.94
C SER A 236 -22.99 11.75 -29.10
N SER A 237 -22.44 10.63 -29.58
CA SER A 237 -23.20 9.82 -30.51
C SER A 237 -24.30 9.02 -29.82
N ILE A 238 -24.18 8.75 -28.52
CA ILE A 238 -25.28 8.05 -27.83
C ILE A 238 -26.47 8.98 -27.64
N THR A 239 -26.27 10.10 -26.94
CA THR A 239 -27.34 10.65 -26.12
C THR A 239 -27.86 12.03 -26.52
N ALA A 240 -26.99 13.04 -26.64
CA ALA A 240 -27.39 14.44 -26.42
C ALA A 240 -28.42 15.05 -27.37
N SER A 241 -28.07 15.21 -28.64
CA SER A 241 -29.00 15.83 -29.58
C SER A 241 -30.05 14.87 -30.08
N LEU A 242 -29.88 13.58 -29.77
CA LEU A 242 -30.97 12.62 -29.84
C LEU A 242 -32.14 13.05 -28.96
N ARG A 243 -31.89 13.19 -27.67
CA ARG A 243 -32.96 13.47 -26.72
C ARG A 243 -33.40 14.92 -26.79
N PHE A 244 -32.46 15.85 -26.62
CA PHE A 244 -32.75 17.27 -26.74
C PHE A 244 -33.08 17.59 -28.19
N ASP A 245 -33.70 18.77 -28.40
CA ASP A 245 -34.76 19.06 -29.37
C ASP A 245 -34.61 18.34 -30.71
N GLY A 246 -35.63 17.58 -31.06
CA GLY A 246 -35.55 16.56 -32.10
C GLY A 246 -36.57 15.49 -31.80
N ALA A 247 -36.73 14.54 -32.74
CA ALA A 247 -37.87 13.64 -32.59
C ALA A 247 -37.66 12.16 -32.94
N LEU A 248 -36.45 11.66 -33.08
CA LEU A 248 -36.29 10.30 -33.61
C LEU A 248 -35.60 9.38 -32.60
N ASN A 249 -36.11 9.39 -31.35
CA ASN A 249 -35.41 8.81 -30.21
C ASN A 249 -35.24 7.30 -30.29
N VAL A 250 -34.16 6.83 -29.67
CA VAL A 250 -33.89 5.41 -29.42
C VAL A 250 -33.50 5.29 -27.95
N ASP A 251 -34.19 4.41 -27.23
CA ASP A 251 -34.24 4.49 -25.77
C ASP A 251 -33.08 3.77 -25.11
N LEU A 252 -32.69 4.30 -23.95
CA LEU A 252 -31.75 3.62 -23.07
C LEU A 252 -32.38 2.37 -22.46
N THR A 253 -33.66 2.45 -22.08
CA THR A 253 -34.29 1.27 -21.51
C THR A 253 -34.58 0.24 -22.58
N GLU A 254 -34.69 0.68 -23.84
CA GLU A 254 -34.67 -0.25 -24.96
C GLU A 254 -33.24 -0.61 -25.39
N PHE A 255 -32.24 -0.35 -24.55
CA PHE A 255 -30.94 -1.01 -24.68
C PHE A 255 -30.72 -2.09 -23.64
N GLN A 256 -31.02 -1.77 -22.37
CA GLN A 256 -30.66 -2.61 -21.23
C GLN A 256 -31.47 -3.91 -21.15
N THR A 257 -32.46 -4.10 -22.00
CA THR A 257 -33.01 -5.43 -22.24
C THR A 257 -33.05 -5.69 -23.74
N ASN A 258 -32.22 -4.99 -24.51
CA ASN A 258 -31.95 -5.32 -25.91
C ASN A 258 -30.47 -5.51 -26.18
N LEU A 259 -29.66 -5.63 -25.14
CA LEU A 259 -28.22 -5.84 -25.30
C LEU A 259 -27.66 -6.96 -24.46
N VAL A 260 -28.30 -7.30 -23.35
CA VAL A 260 -27.91 -8.51 -22.62
C VAL A 260 -28.73 -9.66 -23.21
N PRO A 261 -28.17 -10.84 -23.31
CA PRO A 261 -28.98 -12.00 -23.70
C PRO A 261 -29.96 -12.34 -22.62
N TYR A 262 -29.38 -12.55 -21.44
CA TYR A 262 -29.97 -12.97 -20.19
C TYR A 262 -29.54 -11.96 -19.14
N PRO A 263 -30.36 -11.69 -18.11
CA PRO A 263 -30.18 -10.47 -17.31
C PRO A 263 -29.01 -10.46 -16.33
N ARG A 264 -28.07 -11.39 -16.48
CA ARG A 264 -26.72 -11.16 -15.96
C ARG A 264 -26.11 -9.97 -16.71
N ALA A 265 -25.65 -8.98 -15.95
CA ALA A 265 -25.32 -7.66 -16.47
C ALA A 265 -24.05 -7.72 -17.30
N HIS A 266 -24.22 -8.10 -18.56
CA HIS A 266 -23.05 -8.34 -19.39
C HIS A 266 -22.48 -7.04 -19.93
N PHE A 267 -21.43 -7.18 -20.72
CA PHE A 267 -20.43 -6.13 -20.94
C PHE A 267 -20.22 -5.92 -22.43
N PRO A 268 -21.03 -5.06 -23.06
CA PRO A 268 -20.84 -4.80 -24.50
C PRO A 268 -19.66 -3.87 -24.76
N LEU A 269 -19.30 -3.80 -26.03
CA LEU A 269 -18.14 -3.04 -26.51
C LEU A 269 -18.59 -2.04 -27.54
N ALA A 270 -18.31 -0.77 -27.30
CA ALA A 270 -18.69 0.29 -28.22
C ALA A 270 -17.46 0.78 -29.00
N THR A 271 -17.70 1.25 -30.22
CA THR A 271 -16.62 1.64 -31.11
C THR A 271 -17.10 2.73 -32.05
N TYR A 272 -16.41 3.86 -32.06
CA TYR A 272 -16.73 4.96 -32.96
C TYR A 272 -15.88 4.80 -34.21
N ALA A 273 -16.51 4.61 -35.35
CA ALA A 273 -15.74 4.28 -36.54
C ALA A 273 -15.04 5.48 -37.21
N PRO A 274 -15.74 6.56 -37.67
CA PRO A 274 -15.01 7.46 -38.59
C PRO A 274 -14.04 8.40 -37.87
N VAL A 275 -12.90 7.81 -37.50
CA VAL A 275 -11.90 8.49 -36.71
C VAL A 275 -10.83 9.13 -37.59
N ILE A 276 -11.10 9.28 -38.88
CA ILE A 276 -10.11 9.77 -39.81
C ILE A 276 -9.97 11.28 -39.68
N SER A 277 -8.90 11.84 -40.22
CA SER A 277 -8.62 13.25 -40.06
C SER A 277 -9.49 14.08 -40.99
N ALA A 278 -9.80 15.29 -40.55
CA ALA A 278 -10.32 16.33 -41.43
C ALA A 278 -9.20 17.11 -42.10
N GLU A 279 -7.97 16.65 -42.00
CA GLU A 279 -6.81 17.36 -42.52
C GLU A 279 -6.16 16.58 -43.66
N LYS A 280 -5.77 15.33 -43.42
CA LYS A 280 -5.13 14.52 -44.43
C LYS A 280 -6.05 13.52 -45.08
N ALA A 281 -7.04 13.01 -44.34
CA ALA A 281 -7.90 11.96 -44.86
C ALA A 281 -9.04 12.58 -45.67
N TYR A 282 -8.69 13.03 -46.86
CA TYR A 282 -9.69 13.48 -47.82
C TYR A 282 -10.03 12.37 -48.81
N HIS A 283 -10.44 11.23 -48.24
CA HIS A 283 -11.18 10.23 -49.00
C HIS A 283 -12.62 10.72 -49.05
N GLU A 284 -12.86 11.69 -49.91
CA GLU A 284 -14.12 12.42 -49.88
C GLU A 284 -15.14 11.87 -50.88
N GLN A 285 -14.87 10.70 -51.46
CA GLN A 285 -15.92 9.88 -52.03
C GLN A 285 -16.28 8.76 -51.05
N LEU A 286 -16.76 9.16 -49.88
CA LEU A 286 -17.01 8.27 -48.76
C LEU A 286 -18.50 8.05 -48.57
N SER A 287 -18.89 6.80 -48.29
CA SER A 287 -20.28 6.46 -48.05
C SER A 287 -20.43 5.90 -46.63
N VAL A 288 -21.63 5.39 -46.36
CA VAL A 288 -21.93 4.80 -45.05
C VAL A 288 -21.23 3.46 -44.90
N ALA A 289 -21.16 2.70 -45.99
CA ALA A 289 -20.79 1.29 -45.93
C ALA A 289 -19.33 1.07 -45.55
N GLU A 290 -18.44 2.03 -45.82
CA GLU A 290 -17.03 1.86 -45.48
C GLU A 290 -16.84 1.82 -43.98
N ILE A 291 -17.27 2.86 -43.27
CA ILE A 291 -17.14 2.86 -41.82
C ILE A 291 -18.09 1.87 -41.17
N THR A 292 -19.17 1.51 -41.87
CA THR A 292 -20.06 0.47 -41.38
C THR A 292 -19.35 -0.88 -41.33
N ASN A 293 -18.66 -1.23 -42.41
CA ASN A 293 -17.88 -2.45 -42.41
C ASN A 293 -16.65 -2.32 -41.52
N ALA A 294 -16.18 -1.09 -41.31
CA ALA A 294 -15.08 -0.84 -40.39
C ALA A 294 -15.52 -0.84 -38.93
N CYS A 295 -16.82 -0.95 -38.66
CA CYS A 295 -17.25 -1.24 -37.30
C CYS A 295 -17.00 -2.69 -36.92
N PHE A 296 -16.76 -3.57 -37.89
CA PHE A 296 -16.57 -4.98 -37.62
C PHE A 296 -15.16 -5.46 -37.93
N GLU A 297 -14.27 -4.58 -38.38
CA GLU A 297 -12.89 -4.96 -38.54
C GLU A 297 -12.25 -5.09 -37.17
N PRO A 298 -11.36 -6.07 -36.98
CA PRO A 298 -10.87 -6.38 -35.62
C PRO A 298 -9.99 -5.29 -35.01
N ALA A 299 -8.95 -4.84 -35.69
CA ALA A 299 -8.01 -3.92 -35.05
C ALA A 299 -8.48 -2.48 -35.10
N ASN A 300 -9.72 -2.22 -34.69
CA ASN A 300 -10.19 -0.86 -34.57
C ASN A 300 -11.13 -0.64 -33.39
N GLN A 301 -11.39 -1.65 -32.57
CA GLN A 301 -12.53 -1.58 -31.67
C GLN A 301 -12.13 -1.33 -30.21
N MET A 302 -10.99 -0.69 -30.00
CA MET A 302 -10.60 -0.03 -28.74
C MET A 302 -10.47 -0.98 -27.55
N VAL A 303 -10.30 -2.27 -27.81
CA VAL A 303 -10.10 -3.27 -26.77
C VAL A 303 -9.53 -4.49 -27.47
N LYS A 304 -8.89 -5.37 -26.70
CA LYS A 304 -8.27 -6.56 -27.28
C LYS A 304 -9.23 -7.75 -27.21
N CYS A 305 -10.37 -7.55 -27.85
CA CYS A 305 -11.48 -8.50 -27.93
C CYS A 305 -11.88 -8.69 -29.38
N ASP A 306 -10.89 -8.97 -30.22
CA ASP A 306 -11.17 -9.19 -31.62
C ASP A 306 -11.89 -10.52 -31.80
N PRO A 307 -12.70 -10.65 -32.86
CA PRO A 307 -13.38 -11.92 -33.14
C PRO A 307 -12.47 -13.01 -33.71
N ARG A 308 -11.35 -13.27 -33.01
CA ARG A 308 -10.55 -14.45 -33.28
C ARG A 308 -11.33 -15.70 -32.96
N HIS A 309 -11.97 -15.71 -31.80
CA HIS A 309 -12.96 -16.72 -31.47
C HIS A 309 -14.20 -16.13 -30.82
N GLY A 310 -14.21 -14.85 -30.48
CA GLY A 310 -15.40 -14.25 -29.91
C GLY A 310 -16.47 -14.08 -30.96
N LYS A 311 -17.71 -14.40 -30.61
CA LYS A 311 -18.82 -14.31 -31.53
C LYS A 311 -19.79 -13.22 -31.08
N TYR A 312 -20.74 -12.90 -31.95
CA TYR A 312 -21.62 -11.76 -31.77
C TYR A 312 -23.02 -12.20 -31.37
N MET A 313 -23.54 -11.60 -30.29
CA MET A 313 -24.87 -11.88 -29.78
C MET A 313 -25.86 -10.75 -29.99
N ALA A 314 -25.38 -9.52 -30.15
CA ALA A 314 -26.20 -8.33 -30.32
C ALA A 314 -25.33 -7.20 -30.81
N CYS A 315 -25.73 -6.51 -31.88
CA CYS A 315 -24.90 -5.49 -32.50
C CYS A 315 -25.75 -4.27 -32.82
N CYS A 316 -26.46 -3.76 -31.82
CA CYS A 316 -27.25 -2.54 -32.00
C CYS A 316 -26.39 -1.36 -32.41
N LEU A 317 -26.83 -0.64 -33.42
CA LEU A 317 -26.05 0.43 -34.01
C LEU A 317 -26.76 1.76 -33.80
N LEU A 318 -26.00 2.84 -33.96
CA LEU A 318 -26.55 4.18 -33.99
C LEU A 318 -25.92 4.92 -35.15
N TYR A 319 -26.74 5.43 -36.06
CA TYR A 319 -26.24 6.19 -37.19
C TYR A 319 -26.66 7.64 -37.02
N ARG A 320 -25.80 8.54 -37.48
CA ARG A 320 -26.10 9.96 -37.43
C ARG A 320 -25.50 10.64 -38.65
N GLY A 321 -26.24 11.59 -39.21
CA GLY A 321 -25.87 12.21 -40.46
C GLY A 321 -26.93 12.05 -41.53
N ASP A 322 -26.65 11.27 -42.57
CA ASP A 322 -27.62 10.98 -43.60
C ASP A 322 -27.79 9.48 -43.74
N VAL A 323 -29.03 9.04 -43.83
CA VAL A 323 -29.34 7.62 -43.86
C VAL A 323 -30.29 7.34 -45.01
N VAL A 324 -29.81 6.59 -45.99
CA VAL A 324 -30.66 5.76 -46.85
C VAL A 324 -30.71 4.38 -46.21
N PRO A 325 -31.84 3.96 -45.62
CA PRO A 325 -31.88 2.66 -44.94
C PRO A 325 -31.69 1.44 -45.83
N LYS A 326 -31.62 1.62 -47.15
CA LYS A 326 -31.10 0.57 -48.01
C LYS A 326 -29.65 0.26 -47.67
N ASP A 327 -28.87 1.27 -47.26
CA ASP A 327 -27.53 1.01 -46.77
C ASP A 327 -27.57 0.18 -45.50
N VAL A 328 -28.58 0.39 -44.67
CA VAL A 328 -28.73 -0.38 -43.44
C VAL A 328 -29.05 -1.83 -43.76
N ASN A 329 -30.15 -2.06 -44.48
CA ASN A 329 -30.49 -3.43 -44.88
C ASN A 329 -29.87 -3.78 -46.22
N ALA A 330 -28.63 -3.37 -46.42
CA ALA A 330 -27.66 -4.03 -47.29
C ALA A 330 -26.33 -4.29 -46.59
N ALA A 331 -25.92 -3.43 -45.67
CA ALA A 331 -24.75 -3.72 -44.87
C ALA A 331 -25.02 -4.86 -43.90
N ILE A 332 -26.23 -4.90 -43.35
CA ILE A 332 -26.63 -6.03 -42.50
C ILE A 332 -26.64 -7.32 -43.30
N ALA A 333 -27.06 -7.24 -44.57
CA ALA A 333 -27.04 -8.40 -45.45
C ALA A 333 -25.62 -8.87 -45.72
N THR A 334 -24.74 -7.95 -46.09
CA THR A 334 -23.39 -8.35 -46.47
C THR A 334 -22.53 -8.72 -45.25
N ILE A 335 -22.94 -8.33 -44.05
CA ILE A 335 -22.29 -8.89 -42.87
C ILE A 335 -22.83 -10.28 -42.59
N LYS A 336 -24.15 -10.45 -42.77
CA LYS A 336 -24.81 -11.72 -42.53
C LYS A 336 -24.27 -12.84 -43.42
N THR A 337 -23.80 -12.51 -44.62
CA THR A 337 -23.34 -13.50 -45.59
C THR A 337 -21.83 -13.58 -45.66
N LYS A 338 -21.12 -13.42 -44.54
CA LYS A 338 -19.67 -13.55 -44.55
C LYS A 338 -19.20 -14.94 -44.15
N ARG A 339 -19.81 -15.51 -43.09
CA ARG A 339 -19.43 -16.79 -42.50
C ARG A 339 -17.96 -16.82 -42.09
N THR A 340 -17.50 -15.68 -41.59
CA THR A 340 -16.22 -15.54 -40.94
C THR A 340 -16.35 -14.80 -39.62
N ILE A 341 -17.42 -14.05 -39.44
CA ILE A 341 -17.66 -13.22 -38.27
C ILE A 341 -18.90 -13.80 -37.58
N GLN A 342 -18.97 -15.14 -37.62
CA GLN A 342 -20.07 -16.01 -37.18
C GLN A 342 -20.77 -15.56 -35.90
N PHE A 343 -22.10 -15.52 -35.95
CA PHE A 343 -22.91 -15.09 -34.82
C PHE A 343 -23.08 -16.22 -33.80
N VAL A 344 -23.88 -15.92 -32.78
CA VAL A 344 -24.29 -16.91 -31.81
C VAL A 344 -25.24 -17.90 -32.45
N ASP A 345 -25.04 -19.19 -32.14
CA ASP A 345 -25.88 -20.26 -32.68
C ASP A 345 -27.34 -20.09 -32.27
N TRP A 346 -27.60 -19.90 -30.98
CA TRP A 346 -28.99 -19.86 -30.53
C TRP A 346 -29.65 -18.51 -30.78
N CYS A 347 -28.89 -17.43 -30.88
CA CYS A 347 -29.48 -16.12 -31.07
C CYS A 347 -29.70 -15.87 -32.56
N PRO A 348 -30.94 -15.85 -33.05
CA PRO A 348 -31.17 -15.78 -34.50
C PRO A 348 -30.76 -14.46 -35.14
N THR A 349 -31.33 -13.36 -34.66
CA THR A 349 -30.93 -12.02 -35.05
C THR A 349 -30.92 -11.18 -33.78
N GLY A 350 -30.02 -10.20 -33.73
CA GLY A 350 -29.88 -9.41 -32.54
C GLY A 350 -29.72 -7.93 -32.80
N PHE A 351 -30.34 -7.40 -33.85
CA PHE A 351 -30.02 -6.05 -34.28
C PHE A 351 -31.10 -5.06 -33.90
N LYS A 352 -30.68 -3.81 -33.77
CA LYS A 352 -31.55 -2.68 -33.51
C LYS A 352 -30.85 -1.47 -34.12
N VAL A 353 -31.58 -0.69 -34.90
CA VAL A 353 -30.98 0.29 -35.79
C VAL A 353 -31.32 1.69 -35.30
N GLY A 354 -30.29 2.43 -34.90
CA GLY A 354 -30.44 3.80 -34.51
C GLY A 354 -30.13 4.72 -35.66
N ILE A 355 -31.10 5.55 -36.02
CA ILE A 355 -30.98 6.49 -37.12
C ILE A 355 -31.27 7.87 -36.57
N ASN A 356 -30.28 8.75 -36.62
CA ASN A 356 -30.49 10.13 -36.18
C ASN A 356 -30.13 11.10 -37.28
N TYR A 357 -30.86 12.21 -37.30
CA TYR A 357 -30.78 13.15 -38.39
C TYR A 357 -29.57 14.07 -38.29
N GLU A 358 -29.02 14.25 -37.12
CA GLU A 358 -28.07 15.34 -36.98
C GLU A 358 -26.63 14.83 -37.07
N PRO A 359 -25.75 15.58 -37.74
CA PRO A 359 -24.35 15.17 -37.84
C PRO A 359 -23.61 15.36 -36.53
N PRO A 360 -22.44 14.76 -36.37
CA PRO A 360 -21.55 15.13 -35.27
C PRO A 360 -21.00 16.53 -35.46
N THR A 361 -20.33 17.01 -34.41
CA THR A 361 -19.84 18.38 -34.36
C THR A 361 -18.36 18.35 -34.01
N VAL A 362 -17.58 19.19 -34.68
CA VAL A 362 -16.14 19.21 -34.51
C VAL A 362 -15.73 20.40 -33.65
N VAL A 363 -15.03 20.11 -32.57
CA VAL A 363 -14.43 21.17 -31.74
C VAL A 363 -13.30 21.82 -32.51
N PRO A 364 -13.14 23.15 -32.47
CA PRO A 364 -12.06 23.80 -33.23
C PRO A 364 -10.66 23.38 -32.80
N GLY A 365 -10.45 23.10 -31.52
CA GLY A 365 -9.16 22.58 -31.12
C GLY A 365 -8.99 21.09 -31.35
N GLY A 366 -10.04 20.40 -31.77
CA GLY A 366 -10.01 18.96 -31.92
C GLY A 366 -9.41 18.52 -33.23
N ASP A 367 -9.62 17.24 -33.53
CA ASP A 367 -9.01 16.58 -34.67
C ASP A 367 -9.97 15.76 -35.50
N LEU A 368 -11.26 15.77 -35.19
CA LEU A 368 -12.17 14.84 -35.81
C LEU A 368 -12.62 15.34 -37.18
N ALA A 369 -13.54 14.61 -37.79
CA ALA A 369 -13.56 14.44 -39.24
C ALA A 369 -14.42 15.46 -40.00
N LYS A 370 -15.53 15.94 -39.42
CA LYS A 370 -16.50 16.83 -40.06
C LYS A 370 -17.02 16.20 -41.36
N VAL A 371 -17.76 15.11 -41.17
CA VAL A 371 -18.26 14.32 -42.28
C VAL A 371 -19.77 14.22 -42.13
N GLN A 372 -20.48 14.40 -43.24
CA GLN A 372 -21.94 14.49 -43.29
C GLN A 372 -22.66 13.19 -42.94
N ARG A 373 -21.95 12.10 -42.66
CA ARG A 373 -22.56 10.94 -42.06
C ARG A 373 -21.49 10.26 -41.19
N ALA A 374 -21.94 9.60 -40.14
CA ALA A 374 -21.01 9.00 -39.19
C ALA A 374 -21.71 7.89 -38.44
N VAL A 375 -20.93 6.89 -38.05
CA VAL A 375 -21.44 5.68 -37.44
C VAL A 375 -20.63 5.37 -36.19
N CYS A 376 -21.28 5.38 -35.04
CA CYS A 376 -20.74 4.67 -33.89
C CYS A 376 -21.41 3.31 -33.82
N MET A 377 -20.79 2.39 -33.10
CA MET A 377 -21.40 1.10 -32.91
C MET A 377 -21.28 0.72 -31.45
N LEU A 378 -21.92 -0.39 -31.11
CA LEU A 378 -21.77 -1.06 -29.82
C LEU A 378 -22.26 -2.49 -29.98
N SER A 379 -21.55 -3.41 -29.32
CA SER A 379 -21.88 -4.82 -29.46
C SER A 379 -21.28 -5.60 -28.30
N ASN A 380 -21.92 -6.70 -27.93
CA ASN A 380 -21.45 -7.57 -26.87
C ASN A 380 -20.90 -8.83 -27.51
N THR A 381 -19.67 -9.20 -27.14
CA THR A 381 -18.98 -10.32 -27.75
C THR A 381 -18.76 -11.42 -26.73
N THR A 382 -18.16 -12.51 -27.20
CA THR A 382 -17.86 -13.61 -26.31
C THR A 382 -16.56 -13.37 -25.56
N ALA A 383 -15.56 -12.81 -26.23
CA ALA A 383 -14.17 -12.86 -25.80
C ALA A 383 -13.80 -11.78 -24.79
N ILE A 384 -14.78 -11.22 -24.07
CA ILE A 384 -14.48 -10.37 -22.93
C ILE A 384 -13.75 -11.16 -21.86
N ALA A 385 -14.04 -12.46 -21.76
CA ALA A 385 -13.33 -13.36 -20.85
C ALA A 385 -11.86 -13.50 -21.20
N GLU A 386 -11.44 -13.17 -22.42
CA GLU A 386 -10.01 -13.14 -22.72
C GLU A 386 -9.31 -11.99 -22.01
N ALA A 387 -9.91 -10.80 -22.03
CA ALA A 387 -9.39 -9.69 -21.24
C ALA A 387 -9.54 -9.97 -19.75
N TRP A 388 -10.59 -10.70 -19.36
CA TRP A 388 -10.70 -11.13 -17.97
C TRP A 388 -9.61 -12.12 -17.60
N ALA A 389 -9.14 -12.94 -18.53
CA ALA A 389 -8.03 -13.82 -18.23
C ALA A 389 -6.73 -13.03 -18.13
N ARG A 390 -6.59 -12.02 -19.01
CA ARG A 390 -5.44 -11.11 -18.94
C ARG A 390 -5.38 -10.37 -17.62
N LEU A 391 -6.53 -10.04 -17.05
CA LEU A 391 -6.56 -9.41 -15.74
C LEU A 391 -6.44 -10.43 -14.62
N ASP A 392 -7.00 -11.62 -14.80
CA ASP A 392 -7.15 -12.61 -13.75
C ASP A 392 -5.84 -13.29 -13.41
N HIS A 393 -5.11 -13.74 -14.44
CA HIS A 393 -3.81 -14.36 -14.21
C HIS A 393 -2.82 -13.36 -13.67
N LYS A 394 -2.92 -12.11 -14.14
CA LYS A 394 -2.15 -11.01 -13.60
C LYS A 394 -2.45 -10.78 -12.14
N PHE A 395 -3.71 -10.94 -11.74
CA PHE A 395 -4.06 -10.85 -10.32
C PHE A 395 -3.46 -12.00 -9.53
N ASP A 396 -3.58 -13.23 -10.05
CA ASP A 396 -3.20 -14.40 -9.27
C ASP A 396 -1.70 -14.50 -9.07
N LEU A 397 -0.91 -13.96 -10.03
CA LEU A 397 0.54 -13.99 -9.89
C LEU A 397 1.00 -13.20 -8.68
N MET A 398 0.56 -11.95 -8.56
CA MET A 398 0.94 -11.20 -7.37
C MET A 398 0.14 -11.58 -6.14
N TYR A 399 -1.00 -12.25 -6.29
CA TYR A 399 -1.70 -12.73 -5.12
C TYR A 399 -0.97 -13.89 -4.47
N ALA A 400 -0.23 -14.68 -5.27
CA ALA A 400 0.38 -15.91 -4.78
C ALA A 400 1.44 -15.64 -3.73
N LYS A 401 2.18 -14.54 -3.85
CA LYS A 401 3.21 -14.21 -2.87
C LYS A 401 2.73 -13.26 -1.80
N ARG A 402 1.42 -13.02 -1.70
CA ARG A 402 0.79 -12.14 -0.71
C ARG A 402 1.39 -10.73 -0.77
N ALA A 403 1.35 -10.15 -1.98
CA ALA A 403 2.20 -9.02 -2.30
C ALA A 403 1.94 -7.75 -1.50
N PHE A 404 0.80 -7.10 -1.71
CA PHE A 404 0.59 -5.76 -1.19
C PHE A 404 -0.48 -5.73 -0.11
N VAL A 405 -0.65 -6.85 0.60
CA VAL A 405 -1.85 -7.10 1.36
C VAL A 405 -1.97 -6.19 2.58
N HIS A 406 -0.84 -5.69 3.10
CA HIS A 406 -0.85 -4.97 4.35
C HIS A 406 -1.55 -3.62 4.27
N TRP A 407 -1.58 -2.99 3.09
CA TRP A 407 -2.35 -1.76 2.95
C TRP A 407 -3.84 -2.02 3.09
N TYR A 408 -4.31 -3.10 2.47
CA TYR A 408 -5.72 -3.40 2.48
C TYR A 408 -6.16 -3.93 3.83
N VAL A 409 -5.26 -4.61 4.55
CA VAL A 409 -5.52 -4.92 5.94
C VAL A 409 -5.53 -3.64 6.77
N GLY A 410 -4.66 -2.68 6.44
CA GLY A 410 -4.60 -1.42 7.14
C GLY A 410 -5.81 -0.53 6.94
N GLU A 411 -6.60 -0.81 5.91
CA GLU A 411 -7.89 -0.14 5.83
C GLU A 411 -9.05 -1.15 5.87
N GLY A 412 -8.85 -2.24 6.61
CA GLY A 412 -9.96 -3.09 6.99
C GLY A 412 -10.52 -3.99 5.91
N MET A 413 -9.70 -4.88 5.39
CA MET A 413 -10.20 -5.89 4.46
C MET A 413 -9.78 -7.28 4.92
N GLU A 414 -9.97 -8.26 4.07
CA GLU A 414 -9.75 -9.64 4.47
C GLU A 414 -9.41 -10.47 3.23
N GLU A 415 -8.98 -11.71 3.49
CA GLU A 415 -8.70 -12.65 2.41
C GLU A 415 -9.98 -13.10 1.72
N GLY A 416 -11.07 -13.18 2.46
CA GLY A 416 -12.31 -13.71 1.92
C GLY A 416 -12.92 -12.86 0.83
N GLU A 417 -12.71 -11.54 0.89
CA GLU A 417 -13.18 -10.70 -0.20
C GLU A 417 -12.38 -10.92 -1.46
N PHE A 418 -11.08 -11.21 -1.32
CA PHE A 418 -10.27 -11.60 -2.47
C PHE A 418 -10.76 -12.92 -3.05
N SER A 419 -11.11 -13.87 -2.18
CA SER A 419 -11.61 -15.15 -2.63
C SER A 419 -12.95 -15.01 -3.35
N GLU A 420 -13.83 -14.15 -2.82
CA GLU A 420 -15.11 -13.92 -3.46
C GLU A 420 -14.96 -13.17 -4.78
N ALA A 421 -13.99 -12.28 -4.88
CA ALA A 421 -13.75 -11.60 -6.15
C ALA A 421 -13.20 -12.56 -7.20
N ARG A 422 -12.32 -13.47 -6.76
CA ARG A 422 -11.76 -14.47 -7.66
C ARG A 422 -12.84 -15.40 -8.18
N GLU A 423 -13.67 -15.93 -7.27
CA GLU A 423 -14.76 -16.79 -7.72
C GLU A 423 -15.87 -16.03 -8.43
N ASP A 424 -15.97 -14.71 -8.21
CA ASP A 424 -16.87 -13.87 -8.98
C ASP A 424 -16.45 -13.82 -10.44
N MET A 425 -15.17 -13.58 -10.67
CA MET A 425 -14.65 -13.60 -12.03
C MET A 425 -14.73 -15.00 -12.64
N ALA A 426 -14.55 -16.03 -11.82
CA ALA A 426 -14.71 -17.40 -12.31
C ALA A 426 -16.15 -17.67 -12.73
N ALA A 427 -17.12 -17.17 -11.96
CA ALA A 427 -18.52 -17.36 -12.32
C ALA A 427 -18.87 -16.57 -13.57
N LEU A 428 -18.27 -15.38 -13.72
CA LEU A 428 -18.50 -14.57 -14.91
C LEU A 428 -17.93 -15.23 -16.15
N GLU A 429 -16.75 -15.84 -16.04
CA GLU A 429 -16.19 -16.47 -17.22
C GLU A 429 -16.84 -17.82 -17.53
N LYS A 430 -17.38 -18.52 -16.53
CA LYS A 430 -18.19 -19.69 -16.83
C LYS A 430 -19.49 -19.30 -17.52
N ASP A 431 -20.08 -18.18 -17.09
CA ASP A 431 -21.30 -17.68 -17.72
C ASP A 431 -21.03 -17.26 -19.17
N TYR A 432 -19.89 -16.62 -19.42
CA TYR A 432 -19.50 -16.34 -20.78
C TYR A 432 -19.07 -17.57 -21.55
N GLU A 433 -18.73 -18.66 -20.86
CA GLU A 433 -18.40 -19.89 -21.57
C GLU A 433 -19.66 -20.59 -22.07
N GLU A 434 -20.68 -20.73 -21.22
CA GLU A 434 -21.86 -21.47 -21.65
C GLU A 434 -22.74 -20.66 -22.57
N VAL A 435 -23.21 -19.50 -22.12
CA VAL A 435 -24.25 -18.73 -22.81
C VAL A 435 -23.72 -18.06 -24.08
N GLY A 436 -22.41 -18.11 -24.30
CA GLY A 436 -21.85 -17.55 -25.51
C GLY A 436 -21.92 -18.53 -26.67
N VAL A 437 -20.76 -18.93 -27.18
CA VAL A 437 -20.66 -19.74 -28.40
C VAL A 437 -21.34 -21.10 -28.24
N ASP A 438 -21.32 -21.67 -27.05
CA ASP A 438 -21.85 -23.01 -26.81
C ASP A 438 -23.37 -23.03 -26.96
N SER A 439 -23.87 -24.06 -27.62
CA SER A 439 -25.30 -24.23 -27.85
C SER A 439 -25.85 -25.41 -27.05
N ARG B 2 -3.47 20.44 1.74
CA ARG B 2 -2.60 19.42 2.32
C ARG B 2 -1.28 20.05 2.74
N GLU B 3 -0.81 19.72 3.93
CA GLU B 3 0.29 20.44 4.55
C GLU B 3 1.38 19.50 5.03
N ILE B 4 2.64 19.90 4.81
CA ILE B 4 3.82 19.12 5.14
C ILE B 4 4.83 20.08 5.78
N VAL B 5 5.54 19.62 6.80
CA VAL B 5 6.63 20.40 7.38
C VAL B 5 7.94 19.68 7.09
N HIS B 6 9.04 20.35 7.42
CA HIS B 6 10.38 19.92 7.05
C HIS B 6 11.28 19.90 8.27
N ILE B 7 12.14 18.87 8.36
CA ILE B 7 13.06 18.71 9.48
C ILE B 7 14.47 18.91 8.97
N GLN B 8 15.29 19.66 9.73
CA GLN B 8 16.71 19.77 9.47
C GLN B 8 17.48 19.31 10.70
N ALA B 9 18.22 18.23 10.55
CA ALA B 9 19.12 17.75 11.59
C ALA B 9 20.51 17.57 10.99
N GLY B 10 21.54 17.90 11.76
CA GLY B 10 22.90 17.74 11.27
C GLY B 10 23.36 18.86 10.37
N GLN B 11 24.67 19.05 10.30
CA GLN B 11 25.25 20.09 9.44
C GLN B 11 25.01 19.79 7.97
N CYS B 12 25.15 18.53 7.58
CA CYS B 12 24.84 18.13 6.21
C CYS B 12 23.36 18.30 5.92
N GLY B 13 22.50 17.91 6.86
CA GLY B 13 21.07 18.14 6.71
C GLY B 13 20.73 19.62 6.71
N ASN B 14 21.51 20.42 7.44
CA ASN B 14 21.32 21.86 7.41
C ASN B 14 21.63 22.44 6.04
N GLN B 15 22.74 22.00 5.43
CA GLN B 15 23.10 22.48 4.10
C GLN B 15 22.09 22.01 3.05
N ILE B 16 21.63 20.77 3.19
CA ILE B 16 20.62 20.21 2.28
C ILE B 16 19.34 21.03 2.35
N GLY B 17 18.86 21.28 3.55
CA GLY B 17 17.66 22.09 3.72
C GLY B 17 17.85 23.52 3.25
N ALA B 18 19.06 24.06 3.45
CA ALA B 18 19.36 25.44 3.05
C ALA B 18 19.23 25.59 1.55
N LYS B 19 19.95 24.76 0.80
CA LYS B 19 19.85 24.82 -0.66
C LYS B 19 18.48 24.38 -1.15
N PHE B 20 17.78 23.54 -0.40
CA PHE B 20 16.44 23.14 -0.82
C PHE B 20 15.46 24.30 -0.75
N TRP B 21 15.45 25.04 0.35
CA TRP B 21 14.59 26.22 0.41
C TRP B 21 15.03 27.26 -0.60
N GLU B 22 16.35 27.40 -0.82
CA GLU B 22 16.86 28.35 -1.79
C GLU B 22 16.50 27.98 -3.23
N VAL B 23 16.17 26.73 -3.50
CA VAL B 23 15.65 26.33 -4.80
C VAL B 23 14.13 26.49 -4.87
N ILE B 24 13.43 25.93 -3.88
CA ILE B 24 11.99 25.78 -4.02
C ILE B 24 11.28 27.12 -3.85
N SER B 25 11.90 28.08 -3.14
CA SER B 25 11.32 29.42 -3.12
C SER B 25 11.54 30.12 -4.45
N ASP B 26 12.61 29.79 -5.15
CA ASP B 26 12.82 30.34 -6.48
C ASP B 26 11.87 29.73 -7.49
N GLU B 27 11.40 28.51 -7.25
CA GLU B 27 10.41 27.93 -8.17
C GLU B 27 9.07 28.63 -8.05
N HIS B 28 8.64 28.97 -6.84
CA HIS B 28 7.42 29.75 -6.68
C HIS B 28 7.61 31.23 -6.90
N GLY B 29 8.84 31.69 -7.11
CA GLY B 29 9.09 33.09 -7.30
C GLY B 29 8.98 33.88 -6.01
N ILE B 30 9.89 33.63 -5.08
CA ILE B 30 9.87 34.25 -3.76
C ILE B 30 11.19 34.98 -3.56
N ASP B 31 11.13 36.31 -3.57
CA ASP B 31 12.25 37.12 -3.11
C ASP B 31 12.45 36.87 -1.60
N PRO B 32 13.72 36.94 -1.10
CA PRO B 32 14.03 36.41 0.24
C PRO B 32 13.27 37.08 1.37
N THR B 33 13.42 38.39 1.48
CA THR B 33 12.50 39.16 2.31
C THR B 33 11.15 39.28 1.62
N GLY B 34 11.16 39.35 0.30
CA GLY B 34 10.00 39.74 -0.47
C GLY B 34 8.93 38.68 -0.61
N SER B 35 8.11 38.86 -1.63
CA SER B 35 6.83 38.18 -1.75
C SER B 35 6.78 37.31 -3.00
N TYR B 36 5.57 36.86 -3.30
CA TYR B 36 5.28 36.19 -4.57
C TYR B 36 5.53 37.14 -5.73
N HIS B 37 6.24 36.64 -6.74
CA HIS B 37 6.51 37.44 -7.92
C HIS B 37 6.39 36.59 -9.19
N GLY B 38 5.55 35.56 -9.15
CA GLY B 38 5.34 34.74 -10.34
C GLY B 38 4.55 35.50 -11.38
N ASP B 39 5.02 35.47 -12.62
CA ASP B 39 4.35 36.20 -13.68
C ASP B 39 3.05 35.56 -14.09
N SER B 40 2.88 34.26 -13.85
CA SER B 40 1.58 33.62 -13.91
C SER B 40 1.05 33.46 -12.48
N ASP B 41 -0.21 33.08 -12.39
CA ASP B 41 -0.79 32.74 -11.10
C ASP B 41 -0.56 31.27 -10.75
N LEU B 42 0.07 30.53 -11.65
CA LEU B 42 0.20 29.09 -11.50
C LEU B 42 1.19 28.73 -10.41
N GLN B 43 2.15 29.60 -10.12
CA GLN B 43 3.10 29.37 -9.04
C GLN B 43 2.48 29.65 -7.67
N LEU B 44 1.26 30.17 -7.63
CA LEU B 44 0.65 30.65 -6.40
C LEU B 44 -0.44 29.75 -5.87
N GLU B 45 -1.02 28.90 -6.71
CA GLU B 45 -2.31 28.28 -6.42
C GLU B 45 -2.25 27.24 -5.31
N ARG B 46 -1.09 26.67 -5.03
CA ARG B 46 -0.98 25.63 -4.02
C ARG B 46 0.14 25.94 -3.05
N ILE B 47 0.31 27.21 -2.69
CA ILE B 47 1.43 27.57 -1.82
C ILE B 47 1.16 27.30 -0.35
N ASN B 48 -0.02 26.77 -0.01
CA ASN B 48 -0.27 26.38 1.36
C ASN B 48 0.47 25.12 1.78
N VAL B 49 1.18 24.47 0.86
CA VAL B 49 1.87 23.24 1.20
C VAL B 49 3.11 23.53 2.04
N TYR B 50 4.02 24.33 1.52
CA TYR B 50 5.29 24.56 2.19
C TYR B 50 5.43 25.97 2.73
N TYR B 51 4.34 26.72 2.84
CA TYR B 51 4.42 28.08 3.36
C TYR B 51 3.18 28.40 4.18
N ASN B 52 3.24 29.54 4.87
CA ASN B 52 2.16 30.06 5.68
C ASN B 52 2.10 31.57 5.46
N GLU B 53 0.90 32.08 5.19
CA GLU B 53 0.74 33.50 4.96
C GLU B 53 0.71 34.24 6.29
N ALA B 54 1.38 35.38 6.35
CA ALA B 54 1.28 36.20 7.55
C ALA B 54 0.92 37.65 7.25
N ALA B 55 1.48 38.23 6.20
CA ALA B 55 1.26 39.66 5.97
C ALA B 55 1.14 40.05 4.50
N GLY B 56 1.00 39.09 3.59
CA GLY B 56 0.94 39.40 2.18
C GLY B 56 2.29 39.61 1.51
N ASN B 57 3.34 39.87 2.29
CA ASN B 57 4.70 39.95 1.80
C ASN B 57 5.54 38.78 2.28
N LYS B 58 5.54 38.52 3.58
CA LYS B 58 6.27 37.38 4.10
C LYS B 58 5.51 36.09 3.81
N TYR B 59 6.26 35.06 3.44
CA TYR B 59 5.72 33.72 3.27
C TYR B 59 6.71 32.80 3.98
N VAL B 60 6.39 32.45 5.22
CA VAL B 60 7.36 31.78 6.06
C VAL B 60 7.43 30.31 5.69
N PRO B 61 8.63 29.77 5.47
CA PRO B 61 8.77 28.32 5.28
C PRO B 61 8.56 27.59 6.59
N ARG B 62 7.54 26.74 6.63
CA ARG B 62 7.18 25.99 7.82
C ARG B 62 8.20 24.87 7.99
N ALA B 63 9.30 25.20 8.65
CA ALA B 63 10.42 24.27 8.76
C ALA B 63 10.95 24.25 10.18
N ILE B 64 11.84 23.29 10.42
CA ILE B 64 12.42 23.04 11.74
C ILE B 64 13.93 23.19 11.64
N LEU B 65 14.52 23.87 12.61
CA LEU B 65 15.95 24.17 12.63
C LEU B 65 16.54 23.57 13.89
N VAL B 66 17.25 22.45 13.76
CA VAL B 66 17.78 21.69 14.88
C VAL B 66 19.26 21.43 14.65
N ASP B 67 20.08 21.79 15.63
CA ASP B 67 21.49 21.45 15.64
C ASP B 67 21.97 21.40 17.10
N LEU B 68 23.07 20.70 17.33
CA LEU B 68 23.73 20.70 18.61
C LEU B 68 24.88 21.68 18.66
N GLU B 69 25.01 22.55 17.66
CA GLU B 69 26.04 23.57 17.60
C GLU B 69 25.42 24.84 17.04
N PRO B 70 25.55 25.97 17.74
CA PRO B 70 24.94 27.21 17.25
C PRO B 70 25.64 27.81 16.06
N GLY B 71 26.91 27.45 15.81
CA GLY B 71 27.68 28.12 14.78
C GLY B 71 27.23 27.80 13.36
N THR B 72 26.77 26.57 13.13
CA THR B 72 26.33 26.18 11.80
C THR B 72 25.04 26.90 11.42
N MET B 73 24.07 26.94 12.32
CA MET B 73 22.85 27.67 12.00
C MET B 73 23.03 29.17 12.06
N ASP B 74 24.01 29.68 12.82
CA ASP B 74 24.36 31.09 12.71
C ASP B 74 24.99 31.40 11.35
N SER B 75 25.71 30.44 10.77
CA SER B 75 26.19 30.61 9.41
C SER B 75 25.04 30.53 8.41
N VAL B 76 24.01 29.75 8.72
CA VAL B 76 22.85 29.67 7.84
C VAL B 76 22.07 30.98 7.87
N ARG B 77 21.81 31.51 9.07
CA ARG B 77 20.99 32.71 9.20
C ARG B 77 21.68 33.97 8.73
N SER B 78 22.99 33.93 8.48
CA SER B 78 23.70 35.07 7.93
C SER B 78 23.94 34.93 6.44
N GLY B 79 23.52 33.82 5.84
CA GLY B 79 23.81 33.54 4.45
C GLY B 79 22.88 34.24 3.49
N PRO B 80 22.57 33.57 2.36
CA PRO B 80 21.73 34.19 1.33
C PRO B 80 20.28 34.41 1.75
N PHE B 81 19.60 33.37 2.22
CA PHE B 81 18.21 33.49 2.62
C PHE B 81 18.08 33.43 4.14
N GLY B 82 19.02 34.04 4.85
CA GLY B 82 19.02 33.99 6.29
C GLY B 82 18.03 34.89 6.99
N GLN B 83 17.13 35.53 6.26
CA GLN B 83 16.09 36.35 6.83
C GLN B 83 14.71 35.76 6.64
N ILE B 84 14.59 34.64 5.92
CA ILE B 84 13.29 34.10 5.56
C ILE B 84 12.72 33.22 6.67
N PHE B 85 13.51 32.88 7.68
CA PHE B 85 13.07 32.02 8.75
C PHE B 85 12.56 32.86 9.92
N ARG B 86 11.48 32.42 10.52
CA ARG B 86 11.10 32.98 11.81
C ARG B 86 12.12 32.47 12.82
N PRO B 87 12.86 33.35 13.50
CA PRO B 87 14.03 32.91 14.28
C PRO B 87 13.68 32.10 15.51
N ASP B 88 12.41 32.06 15.92
CA ASP B 88 12.00 31.16 16.98
C ASP B 88 12.08 29.70 16.55
N ASN B 89 12.06 29.42 15.24
CA ASN B 89 12.19 28.06 14.77
C ASN B 89 13.62 27.52 14.90
N PHE B 90 14.61 28.38 15.14
CA PHE B 90 15.91 27.90 15.54
C PHE B 90 15.82 27.26 16.91
N VAL B 91 16.14 25.97 16.99
CA VAL B 91 16.13 25.23 18.24
C VAL B 91 17.48 24.54 18.37
N PHE B 92 18.19 24.83 19.46
CA PHE B 92 19.55 24.34 19.60
C PHE B 92 20.00 24.43 21.05
N GLY B 93 20.78 23.45 21.47
CA GLY B 93 21.52 23.56 22.70
C GLY B 93 22.94 24.04 22.45
N GLN B 94 23.56 24.54 23.51
CA GLN B 94 24.94 25.00 23.45
C GLN B 94 25.92 23.87 23.76
N SER B 95 25.42 22.65 23.89
CA SER B 95 26.23 21.53 24.35
C SER B 95 27.13 21.02 23.22
N GLY B 96 27.81 19.91 23.46
CA GLY B 96 28.70 19.36 22.48
C GLY B 96 27.95 18.59 21.40
N ALA B 97 28.38 18.77 20.16
CA ALA B 97 27.87 18.01 19.04
C ALA B 97 28.74 16.79 18.76
N GLY B 98 28.88 15.95 19.78
CA GLY B 98 29.77 14.81 19.66
C GLY B 98 29.23 13.78 18.69
N ASN B 99 30.15 13.03 18.09
CA ASN B 99 29.80 12.16 16.99
C ASN B 99 29.16 10.85 17.44
N ASN B 100 28.95 10.67 18.74
CA ASN B 100 28.21 9.52 19.24
C ASN B 100 26.74 9.61 18.83
N TRP B 101 26.24 8.51 18.28
CA TRP B 101 24.80 8.31 18.13
C TRP B 101 24.09 8.41 19.48
N ALA B 102 24.63 7.70 20.47
CA ALA B 102 23.99 7.65 21.78
C ALA B 102 24.08 8.98 22.52
N LYS B 103 25.02 9.85 22.16
CA LYS B 103 25.00 11.19 22.72
C LYS B 103 23.78 11.96 22.26
N GLY B 104 23.41 11.81 20.99
CA GLY B 104 22.19 12.45 20.53
C GLY B 104 20.92 11.68 20.82
N HIS B 105 21.03 10.43 21.28
CA HIS B 105 19.84 9.62 21.48
C HIS B 105 19.51 9.34 22.95
N TYR B 106 20.47 9.44 23.87
CA TYR B 106 20.21 9.17 25.27
C TYR B 106 20.20 10.42 26.13
N THR B 107 21.28 11.19 26.12
CA THR B 107 21.43 12.28 27.09
C THR B 107 21.38 13.65 26.44
N GLU B 108 22.28 13.94 25.50
CA GLU B 108 22.40 15.29 24.97
C GLU B 108 21.43 15.56 23.83
N GLY B 109 20.53 14.63 23.55
CA GLY B 109 19.39 14.90 22.72
C GLY B 109 18.18 15.11 23.59
N ALA B 110 18.10 14.33 24.68
CA ALA B 110 16.99 14.41 25.62
C ALA B 110 16.92 15.76 26.34
N GLU B 111 18.02 16.51 26.36
CA GLU B 111 17.99 17.91 26.77
C GLU B 111 17.25 18.81 25.78
N LEU B 112 16.94 18.32 24.58
CA LEU B 112 16.41 19.19 23.55
C LEU B 112 15.26 18.52 22.79
N VAL B 113 14.77 17.38 23.26
CA VAL B 113 13.65 16.70 22.60
C VAL B 113 12.37 17.51 22.74
N ASP B 114 12.04 17.94 23.96
CA ASP B 114 10.71 18.48 24.26
C ASP B 114 10.49 19.84 23.62
N SER B 115 11.55 20.62 23.40
CA SER B 115 11.41 21.86 22.64
C SER B 115 11.04 21.59 21.20
N VAL B 116 11.62 20.54 20.61
CA VAL B 116 11.30 20.17 19.23
C VAL B 116 9.89 19.62 19.16
N LEU B 117 9.49 18.84 20.17
CA LEU B 117 8.10 18.37 20.26
C LEU B 117 7.13 19.52 20.40
N ASP B 118 7.52 20.56 21.13
CA ASP B 118 6.68 21.75 21.28
C ASP B 118 6.53 22.48 19.96
N VAL B 119 7.61 22.56 19.19
CA VAL B 119 7.54 23.25 17.89
C VAL B 119 6.72 22.44 16.89
N VAL B 120 6.84 21.12 16.90
CA VAL B 120 6.08 20.34 15.92
C VAL B 120 4.63 20.22 16.33
N ARG B 121 4.31 20.27 17.63
CA ARG B 121 2.91 20.32 18.01
C ARG B 121 2.32 21.70 17.79
N LYS B 122 3.15 22.74 17.83
CA LYS B 122 2.67 24.07 17.46
C LYS B 122 2.40 24.15 15.96
N GLU B 123 3.21 23.49 15.14
CA GLU B 123 3.13 23.66 13.70
C GLU B 123 2.31 22.59 13.00
N SER B 124 2.02 21.46 13.64
CA SER B 124 1.17 20.45 13.02
C SER B 124 -0.27 20.93 12.98
N GLU B 125 -0.85 21.21 14.14
CA GLU B 125 -2.20 21.73 14.25
C GLU B 125 -2.25 23.25 14.16
N SER B 126 -1.22 23.88 13.59
CA SER B 126 -1.26 25.31 13.31
C SER B 126 -2.33 25.63 12.29
N CYS B 127 -2.56 24.72 11.35
CA CYS B 127 -3.33 24.99 10.16
C CYS B 127 -4.04 23.70 9.77
N ASP B 128 -4.39 23.57 8.50
CA ASP B 128 -5.30 22.55 8.00
C ASP B 128 -4.60 21.18 8.00
N CYS B 129 -5.26 20.18 7.38
CA CYS B 129 -4.93 18.77 7.56
C CYS B 129 -3.52 18.43 7.07
N LEU B 130 -2.72 17.94 8.00
CA LEU B 130 -1.33 17.58 7.77
C LEU B 130 -1.23 16.40 6.82
N GLN B 131 -0.18 16.38 6.01
CA GLN B 131 0.00 15.34 5.01
C GLN B 131 1.21 14.46 5.28
N GLY B 132 2.38 15.05 5.48
CA GLY B 132 3.57 14.23 5.66
C GLY B 132 4.68 15.02 6.33
N PHE B 133 5.80 14.34 6.53
CA PHE B 133 6.97 14.86 7.23
C PHE B 133 8.22 14.61 6.40
N GLN B 134 9.06 15.65 6.28
CA GLN B 134 10.31 15.59 5.53
C GLN B 134 11.47 15.57 6.51
N LEU B 135 12.14 14.43 6.61
CA LEU B 135 13.30 14.28 7.47
C LEU B 135 14.57 14.32 6.62
N THR B 136 15.32 15.41 6.70
CA THR B 136 16.64 15.52 6.11
C THR B 136 17.67 15.51 7.22
N HIS B 137 18.62 14.60 7.13
CA HIS B 137 19.66 14.47 8.13
C HIS B 137 20.82 13.71 7.51
N SER B 138 21.77 13.32 8.35
CA SER B 138 22.85 12.44 7.93
C SER B 138 23.03 11.39 9.01
N LEU B 139 23.67 10.29 8.63
CA LEU B 139 24.06 9.27 9.58
C LEU B 139 25.37 9.59 10.28
N GLY B 140 26.09 10.61 9.81
CA GLY B 140 27.40 10.93 10.34
C GLY B 140 27.40 11.93 11.48
N GLY B 141 26.46 11.77 12.40
CA GLY B 141 26.40 12.63 13.56
C GLY B 141 25.13 12.40 14.34
N GLY B 142 25.25 12.38 15.67
CA GLY B 142 24.09 12.15 16.54
C GLY B 142 23.03 13.22 16.44
N THR B 143 23.42 14.42 16.00
CA THR B 143 22.51 15.41 15.46
C THR B 143 21.52 14.80 14.48
N GLY B 144 22.04 14.16 13.45
CA GLY B 144 21.19 13.54 12.46
C GLY B 144 20.87 12.08 12.77
N SER B 145 21.82 11.36 13.33
CA SER B 145 21.62 9.92 13.54
C SER B 145 20.86 9.65 14.83
N GLY B 146 21.40 10.11 15.97
CA GLY B 146 20.75 9.83 17.23
C GLY B 146 19.51 10.68 17.45
N MET B 147 19.67 12.00 17.38
CA MET B 147 18.54 12.89 17.65
C MET B 147 17.50 12.82 16.56
N GLY B 148 17.91 12.53 15.32
CA GLY B 148 16.98 12.32 14.24
C GLY B 148 16.05 11.15 14.46
N THR B 149 16.62 9.97 14.76
CA THR B 149 15.77 8.82 15.00
C THR B 149 15.03 8.95 16.32
N LEU B 150 15.54 9.74 17.26
CA LEU B 150 14.83 9.94 18.52
C LEU B 150 13.59 10.81 18.30
N LEU B 151 13.74 11.87 17.50
CA LEU B 151 12.64 12.67 17.00
C LEU B 151 11.58 11.85 16.30
N ILE B 152 11.94 11.13 15.24
CA ILE B 152 10.90 10.45 14.47
C ILE B 152 10.34 9.26 15.22
N SER B 153 11.11 8.68 16.16
CA SER B 153 10.58 7.62 17.01
C SER B 153 9.59 8.15 18.02
N LYS B 154 9.71 9.41 18.44
CA LYS B 154 8.63 10.00 19.21
C LYS B 154 7.49 10.48 18.33
N ILE B 155 7.78 10.83 17.08
CA ILE B 155 6.76 11.30 16.16
C ILE B 155 5.79 10.17 15.80
N ARG B 156 6.30 8.99 15.48
CA ARG B 156 5.41 7.92 15.04
C ARG B 156 4.61 7.31 16.20
N GLU B 157 5.08 7.44 17.43
CA GLU B 157 4.20 7.13 18.54
C GLU B 157 3.21 8.27 18.78
N GLU B 158 3.60 9.49 18.44
CA GLU B 158 2.68 10.63 18.55
C GLU B 158 1.69 10.66 17.40
N TYR B 159 2.19 10.62 16.16
CA TYR B 159 1.35 10.73 14.97
C TYR B 159 1.44 9.43 14.18
N PRO B 160 0.47 8.53 14.30
CA PRO B 160 0.55 7.26 13.57
C PRO B 160 -0.05 7.34 12.17
N ASP B 161 -0.23 8.55 11.66
CA ASP B 161 -1.09 8.75 10.50
C ASP B 161 -0.35 9.14 9.24
N ARG B 162 0.65 10.00 9.35
CA ARG B 162 1.18 10.70 8.19
C ARG B 162 2.35 9.91 7.60
N ILE B 163 3.09 10.54 6.69
CA ILE B 163 4.12 9.90 5.90
C ILE B 163 5.47 10.49 6.31
N MET B 164 6.46 9.61 6.51
CA MET B 164 7.76 10.01 7.04
C MET B 164 8.81 9.91 5.92
N ASN B 165 8.98 11.00 5.19
CA ASN B 165 10.02 11.02 4.17
C ASN B 165 11.38 11.18 4.83
N THR B 166 12.25 10.20 4.65
CA THR B 166 13.57 10.18 5.25
C THR B 166 14.61 10.43 4.17
N PHE B 167 15.36 11.50 4.33
CA PHE B 167 16.48 11.82 3.43
C PHE B 167 17.74 11.63 4.24
N SER B 168 18.39 10.49 4.03
CA SER B 168 19.55 10.08 4.79
C SER B 168 20.80 10.18 3.93
N VAL B 169 21.93 10.38 4.59
CA VAL B 169 23.22 10.44 3.92
C VAL B 169 24.02 9.26 4.44
N VAL B 170 23.95 8.15 3.71
CA VAL B 170 24.69 6.95 4.11
C VAL B 170 26.15 7.11 3.69
N PRO B 171 27.10 6.83 4.58
CA PRO B 171 28.51 6.98 4.21
C PRO B 171 28.93 5.98 3.15
N SER B 172 29.56 6.48 2.10
CA SER B 172 30.05 5.61 1.03
C SER B 172 31.21 4.77 1.54
N PRO B 173 31.33 3.52 1.09
CA PRO B 173 32.36 2.64 1.67
C PRO B 173 33.79 3.02 1.30
N LYS B 174 34.07 3.24 0.01
CA LYS B 174 35.43 3.51 -0.38
C LYS B 174 35.83 4.96 -0.11
N VAL B 175 34.86 5.87 -0.05
CA VAL B 175 35.15 7.23 0.39
C VAL B 175 34.45 7.41 1.72
N SER B 176 35.17 7.11 2.80
CA SER B 176 34.63 7.10 4.15
C SER B 176 35.38 8.16 4.93
N ASP B 177 34.85 9.39 4.91
CA ASP B 177 35.60 10.55 5.37
C ASP B 177 35.54 10.74 6.88
N THR B 178 35.02 9.76 7.62
CA THR B 178 35.11 9.73 9.07
C THR B 178 35.50 8.31 9.45
N VAL B 179 36.70 8.13 10.02
CA VAL B 179 37.20 6.80 10.31
C VAL B 179 36.47 6.20 11.52
N VAL B 180 36.00 7.03 12.44
CA VAL B 180 35.29 6.56 13.62
C VAL B 180 33.78 6.52 13.39
N GLU B 181 33.34 6.50 12.13
CA GLU B 181 31.92 6.58 11.83
C GLU B 181 31.11 5.32 12.10
N PRO B 182 31.37 4.16 11.40
CA PRO B 182 30.25 3.29 11.00
C PRO B 182 29.45 2.58 12.08
N TYR B 183 29.71 2.83 13.36
CA TYR B 183 28.79 2.34 14.39
C TYR B 183 27.47 3.10 14.33
N ASN B 184 27.55 4.40 14.03
CA ASN B 184 26.38 5.24 13.98
C ASN B 184 25.43 4.85 12.86
N ALA B 185 25.95 4.27 11.79
CA ALA B 185 25.09 3.79 10.71
C ALA B 185 24.22 2.63 11.17
N THR B 186 24.82 1.68 11.88
CA THR B 186 24.08 0.52 12.38
C THR B 186 23.06 0.95 13.42
N LEU B 187 23.46 1.84 14.32
CA LEU B 187 22.54 2.33 15.34
C LEU B 187 21.42 3.17 14.74
N SER B 188 21.69 3.88 13.65
CA SER B 188 20.66 4.67 12.99
C SER B 188 19.67 3.78 12.27
N VAL B 189 20.17 2.83 11.48
CA VAL B 189 19.29 2.01 10.66
C VAL B 189 18.56 0.97 11.51
N HIS B 190 19.04 0.73 12.73
CA HIS B 190 18.30 -0.13 13.66
C HIS B 190 16.95 0.48 14.02
N GLN B 191 16.89 1.79 14.15
CA GLN B 191 15.65 2.45 14.53
C GLN B 191 15.11 3.36 13.43
N LEU B 192 15.54 3.15 12.20
CA LEU B 192 14.79 3.69 11.07
C LEU B 192 13.75 2.68 10.57
N VAL B 193 14.11 1.41 10.54
CA VAL B 193 13.30 0.38 9.89
C VAL B 193 12.04 0.03 10.67
N GLU B 194 11.85 0.59 11.87
CA GLU B 194 10.63 0.36 12.62
C GLU B 194 9.75 1.58 12.72
N ASN B 195 10.17 2.73 12.21
CA ASN B 195 9.40 3.95 12.44
C ASN B 195 8.93 4.61 11.17
N THR B 196 9.81 4.85 10.20
CA THR B 196 9.44 5.61 9.01
C THR B 196 8.69 4.72 8.02
N ASP B 197 8.49 5.22 6.80
CA ASP B 197 7.94 4.40 5.73
C ASP B 197 8.77 4.54 4.46
N GLU B 198 9.32 5.73 4.26
CA GLU B 198 9.99 6.09 3.01
C GLU B 198 11.35 6.67 3.33
N THR B 199 12.41 6.05 2.84
CA THR B 199 13.77 6.52 3.04
C THR B 199 14.47 6.58 1.71
N TYR B 200 14.82 7.79 1.26
CA TYR B 200 15.53 7.94 0.00
C TYR B 200 16.98 8.08 0.42
N CYS B 201 17.71 6.96 0.43
CA CYS B 201 19.08 6.99 0.88
C CYS B 201 19.98 7.61 -0.18
N ILE B 202 20.86 8.50 0.25
CA ILE B 202 21.71 9.28 -0.63
C ILE B 202 23.15 8.94 -0.30
N ASP B 203 23.98 8.79 -1.34
CA ASP B 203 25.38 8.45 -1.17
C ASP B 203 26.21 9.48 -1.91
N ASN B 204 27.24 10.01 -1.24
CA ASN B 204 27.97 11.16 -1.76
C ASN B 204 28.78 10.81 -2.99
N GLU B 205 29.29 9.58 -3.06
CA GLU B 205 30.23 9.23 -4.12
C GLU B 205 29.55 9.16 -5.48
N ALA B 206 28.25 8.88 -5.52
CA ALA B 206 27.56 8.96 -6.80
C ALA B 206 27.37 10.40 -7.24
N LEU B 207 27.22 11.32 -6.27
CA LEU B 207 27.15 12.73 -6.62
C LEU B 207 28.48 13.24 -7.15
N TYR B 208 29.58 12.81 -6.52
CA TYR B 208 30.90 13.10 -7.07
C TYR B 208 31.07 12.47 -8.44
N ASP B 209 30.52 11.27 -8.64
CA ASP B 209 30.62 10.57 -9.91
C ASP B 209 29.92 11.35 -11.01
N ILE B 210 28.70 11.81 -10.75
CA ILE B 210 27.92 12.54 -11.75
C ILE B 210 28.58 13.88 -12.04
N CYS B 211 28.73 14.72 -11.01
CA CYS B 211 29.19 16.09 -11.21
C CYS B 211 30.66 16.17 -11.61
N PHE B 212 31.45 15.11 -11.38
CA PHE B 212 32.87 15.15 -11.61
C PHE B 212 33.31 14.35 -12.83
N ARG B 213 32.60 13.28 -13.17
CA ARG B 213 32.86 12.52 -14.39
C ARG B 213 31.91 12.95 -15.51
N THR B 214 30.60 12.83 -15.28
CA THR B 214 29.64 13.07 -16.36
C THR B 214 29.53 14.55 -16.65
N LEU B 215 29.35 15.35 -15.62
CA LEU B 215 29.57 16.79 -15.76
C LEU B 215 31.06 17.06 -15.73
N LYS B 216 31.50 17.96 -16.61
CA LYS B 216 32.91 18.32 -16.68
C LYS B 216 33.26 19.47 -15.74
N LEU B 217 32.37 19.80 -14.80
CA LEU B 217 32.71 20.78 -13.78
C LEU B 217 33.72 20.18 -12.83
N THR B 218 34.90 20.81 -12.76
CA THR B 218 36.04 20.18 -12.09
C THR B 218 35.92 20.28 -10.58
N THR B 219 35.56 21.45 -10.06
CA THR B 219 35.55 21.66 -8.62
C THR B 219 34.30 21.07 -8.01
N PRO B 220 34.41 20.12 -7.08
CA PRO B 220 33.23 19.52 -6.45
C PRO B 220 32.78 20.30 -5.22
N THR B 221 32.40 21.56 -5.43
CA THR B 221 31.94 22.40 -4.34
C THR B 221 30.60 21.88 -3.81
N TYR B 222 30.47 21.85 -2.48
CA TYR B 222 29.35 21.20 -1.82
C TYR B 222 28.01 21.86 -2.16
N GLY B 223 28.04 23.15 -2.53
CA GLY B 223 26.84 23.82 -2.98
C GLY B 223 26.23 23.17 -4.21
N ASP B 224 27.06 22.61 -5.09
CA ASP B 224 26.54 21.89 -6.24
C ASP B 224 25.93 20.56 -5.84
N LEU B 225 26.50 19.91 -4.82
CA LEU B 225 25.97 18.62 -4.37
C LEU B 225 24.62 18.80 -3.70
N ASN B 226 24.53 19.79 -2.81
CA ASN B 226 23.24 20.10 -2.20
C ASN B 226 22.26 20.66 -3.22
N HIS B 227 22.76 21.32 -4.26
CA HIS B 227 21.91 21.79 -5.35
C HIS B 227 21.27 20.64 -6.09
N LEU B 228 22.05 19.58 -6.34
CA LEU B 228 21.51 18.41 -7.01
C LEU B 228 20.52 17.65 -6.13
N VAL B 229 20.81 17.52 -4.84
CA VAL B 229 19.88 16.84 -3.93
C VAL B 229 18.59 17.65 -3.79
N SER B 230 18.71 18.98 -3.81
CA SER B 230 17.54 19.85 -3.75
C SER B 230 16.69 19.69 -5.00
N ALA B 231 17.32 19.59 -6.17
CA ALA B 231 16.57 19.34 -7.39
C ALA B 231 15.89 17.98 -7.37
N THR B 232 16.54 17.02 -6.73
CA THR B 232 16.02 15.66 -6.64
C THR B 232 14.75 15.63 -5.81
N MET B 233 14.79 16.23 -4.63
CA MET B 233 13.60 16.24 -3.80
C MET B 233 12.55 17.22 -4.31
N SER B 234 12.95 18.26 -5.04
CA SER B 234 11.98 19.17 -5.63
C SER B 234 11.26 18.53 -6.81
N GLY B 235 11.85 17.50 -7.40
CA GLY B 235 11.11 16.74 -8.39
C GLY B 235 10.25 15.65 -7.80
N VAL B 236 9.84 15.79 -6.54
CA VAL B 236 9.00 14.77 -5.91
C VAL B 236 7.65 15.35 -5.49
N THR B 237 7.67 16.31 -4.57
CA THR B 237 6.46 16.60 -3.80
C THR B 237 5.63 17.73 -4.38
N THR B 238 6.19 18.93 -4.44
CA THR B 238 5.43 20.06 -4.98
C THR B 238 5.25 19.96 -6.49
N CYS B 239 6.09 19.13 -7.14
CA CYS B 239 5.85 18.75 -8.52
C CYS B 239 4.55 17.96 -8.65
N LEU B 240 4.26 17.11 -7.68
CA LEU B 240 2.97 16.43 -7.66
C LEU B 240 1.89 17.25 -6.98
N ARG B 241 2.19 18.47 -6.52
CA ARG B 241 1.19 19.34 -5.92
C ARG B 241 0.99 20.61 -6.73
N PHE B 242 1.16 20.49 -8.04
CA PHE B 242 0.82 21.48 -9.04
C PHE B 242 -0.30 20.87 -9.88
N PRO B 243 -0.89 21.60 -10.82
CA PRO B 243 -1.68 20.94 -11.86
C PRO B 243 -0.84 19.92 -12.65
N GLY B 244 -1.43 18.77 -12.90
CA GLY B 244 -0.74 17.70 -13.60
C GLY B 244 -1.72 16.87 -14.40
N GLN B 245 -1.20 16.24 -15.46
CA GLN B 245 -2.03 15.34 -16.25
C GLN B 245 -2.44 14.12 -15.45
N LEU B 246 -1.47 13.42 -14.88
CA LEU B 246 -1.70 12.36 -13.91
C LEU B 246 -0.75 12.57 -12.76
N ASN B 247 -1.27 13.03 -11.63
CA ASN B 247 -0.45 13.34 -10.47
C ASN B 247 -0.71 12.38 -9.34
N ALA B 248 0.31 12.20 -8.51
CA ALA B 248 0.27 11.29 -7.38
C ALA B 248 0.52 12.07 -6.09
N ASP B 249 0.72 11.32 -5.00
CA ASP B 249 1.19 11.94 -3.76
C ASP B 249 2.29 11.08 -3.17
N LEU B 250 2.64 11.38 -1.92
CA LEU B 250 3.57 10.50 -1.22
C LEU B 250 2.93 9.16 -0.91
N ARG B 251 1.64 9.15 -0.60
CA ARG B 251 0.98 7.93 -0.17
C ARG B 251 0.79 6.96 -1.32
N LYS B 252 0.55 7.47 -2.53
CA LYS B 252 0.48 6.60 -3.70
C LYS B 252 1.81 5.91 -3.96
N LEU B 253 2.92 6.65 -3.86
CA LEU B 253 4.23 6.03 -4.04
C LEU B 253 4.53 5.06 -2.91
N ALA B 254 3.99 5.33 -1.71
CA ALA B 254 4.13 4.40 -0.60
C ALA B 254 3.41 3.08 -0.88
N VAL B 255 2.21 3.16 -1.43
CA VAL B 255 1.47 1.93 -1.72
C VAL B 255 2.06 1.24 -2.95
N ASN B 256 2.60 2.01 -3.89
CA ASN B 256 3.15 1.43 -5.10
C ASN B 256 4.45 0.69 -4.84
N MET B 257 5.39 1.31 -4.13
CA MET B 257 6.75 0.83 -4.21
C MET B 257 7.03 -0.37 -3.32
N VAL B 258 6.62 -0.32 -2.06
CA VAL B 258 7.04 -1.37 -1.15
C VAL B 258 6.14 -2.60 -1.31
N PRO B 259 6.71 -3.78 -1.30
CA PRO B 259 5.88 -4.99 -1.16
C PRO B 259 5.26 -5.05 0.21
N PHE B 260 6.11 -5.00 1.21
CA PHE B 260 5.79 -5.34 2.57
C PHE B 260 5.80 -4.09 3.43
N PRO B 261 5.30 -4.17 4.68
CA PRO B 261 5.43 -3.00 5.56
C PRO B 261 6.79 -2.90 6.24
N ARG B 262 7.80 -3.63 5.74
CA ARG B 262 9.18 -3.44 6.16
C ARG B 262 9.86 -2.31 5.40
N LEU B 263 9.10 -1.62 4.55
CA LEU B 263 9.23 -0.22 4.14
C LEU B 263 10.45 0.11 3.29
N HIS B 264 11.37 -0.85 3.15
CA HIS B 264 12.06 -1.16 1.91
C HIS B 264 12.62 0.02 1.14
N PHE B 265 13.75 0.55 1.63
CA PHE B 265 14.32 1.87 1.33
C PHE B 265 14.46 2.20 -0.15
N PHE B 266 14.58 3.48 -0.47
CA PHE B 266 14.42 3.98 -1.82
C PHE B 266 15.72 4.60 -2.33
N MET B 267 15.84 4.68 -3.65
CA MET B 267 17.00 5.26 -4.31
C MET B 267 16.55 6.38 -5.22
N PRO B 268 16.96 7.62 -4.98
CA PRO B 268 16.51 8.74 -5.79
C PRO B 268 17.39 8.98 -7.00
N GLY B 269 16.86 9.75 -7.94
CA GLY B 269 17.58 10.07 -9.16
C GLY B 269 17.00 11.21 -9.97
N PHE B 270 17.85 12.16 -10.37
CA PHE B 270 17.44 13.32 -11.14
C PHE B 270 17.92 13.12 -12.57
N ALA B 271 17.03 13.31 -13.54
CA ALA B 271 17.38 12.87 -14.88
C ALA B 271 18.30 13.80 -15.68
N PRO B 272 17.94 15.09 -15.99
CA PRO B 272 18.74 15.81 -16.99
C PRO B 272 20.03 16.35 -16.40
N LEU B 273 21.15 15.72 -16.74
CA LEU B 273 22.45 16.16 -16.27
C LEU B 273 23.33 16.48 -17.46
N THR B 274 23.74 17.73 -17.56
CA THR B 274 24.43 18.28 -18.72
C THR B 274 25.65 19.05 -18.26
N SER B 275 26.70 19.04 -19.09
CA SER B 275 27.79 19.98 -18.88
C SER B 275 27.29 21.39 -19.16
N ARG B 276 27.90 22.36 -18.47
CA ARG B 276 27.27 23.64 -18.12
C ARG B 276 26.63 24.39 -19.29
N GLY B 277 27.37 24.56 -20.39
CA GLY B 277 26.77 25.19 -21.55
C GLY B 277 26.95 24.38 -22.81
N SER B 278 27.92 23.47 -22.78
CA SER B 278 28.33 22.77 -23.99
C SER B 278 27.34 21.68 -24.39
N GLN B 279 26.59 21.14 -23.45
CA GLN B 279 25.84 19.91 -23.68
C GLN B 279 24.45 20.17 -24.31
N GLN B 280 24.23 21.34 -24.90
CA GLN B 280 23.09 21.51 -25.77
C GLN B 280 23.26 20.60 -26.98
N TYR B 281 22.31 19.70 -27.17
CA TYR B 281 22.56 18.56 -28.04
C TYR B 281 21.35 18.15 -28.87
N ARG B 282 20.22 18.87 -28.78
CA ARG B 282 18.94 18.55 -29.43
C ARG B 282 18.39 17.17 -29.04
N ALA B 283 18.87 16.59 -27.96
CA ALA B 283 18.39 15.30 -27.47
C ALA B 283 17.42 15.53 -26.32
N LEU B 284 16.32 16.22 -26.59
CA LEU B 284 15.42 16.57 -25.48
C LEU B 284 14.02 16.00 -25.57
N THR B 285 13.81 14.92 -24.85
CA THR B 285 12.52 14.23 -24.79
C THR B 285 12.49 13.36 -23.55
N VAL B 286 11.36 12.68 -23.35
CA VAL B 286 11.25 11.78 -22.22
C VAL B 286 12.25 10.67 -22.50
N PRO B 287 12.19 10.12 -23.72
CA PRO B 287 13.05 9.06 -24.27
C PRO B 287 14.52 9.21 -23.92
N GLU B 288 15.13 10.35 -24.22
CA GLU B 288 16.52 10.51 -23.84
C GLU B 288 16.58 10.41 -22.33
N LEU B 289 15.54 10.88 -21.65
CA LEU B 289 15.52 10.89 -20.20
C LEU B 289 15.17 9.52 -19.67
N THR B 290 14.36 8.77 -20.43
CA THR B 290 14.07 7.39 -20.09
C THR B 290 15.33 6.54 -20.12
N GLN B 291 16.23 6.83 -21.06
CA GLN B 291 17.51 6.13 -21.08
C GLN B 291 18.47 6.69 -20.04
N GLN B 292 18.40 7.99 -19.78
CA GLN B 292 19.32 8.63 -18.85
C GLN B 292 19.05 8.21 -17.41
N MET B 293 17.80 7.87 -17.08
CA MET B 293 17.50 7.46 -15.71
C MET B 293 18.04 6.06 -15.41
N PHE B 294 18.05 5.17 -16.40
CA PHE B 294 18.15 3.74 -16.11
C PHE B 294 19.52 3.18 -16.42
N ASP B 295 20.57 3.97 -16.23
CA ASP B 295 21.93 3.53 -16.42
C ASP B 295 22.57 3.29 -15.06
N ALA B 296 23.83 2.82 -15.06
CA ALA B 296 24.54 2.63 -13.80
C ALA B 296 24.87 3.95 -13.14
N LYS B 297 25.19 4.97 -13.93
CA LYS B 297 25.26 6.33 -13.39
C LYS B 297 23.85 6.91 -13.39
N ASN B 298 23.76 8.19 -12.97
CA ASN B 298 22.50 8.88 -12.68
C ASN B 298 21.70 8.10 -11.63
N MET B 299 22.41 7.49 -10.69
CA MET B 299 21.80 6.72 -9.62
C MET B 299 22.57 7.02 -8.35
N MET B 300 21.88 7.61 -7.37
CA MET B 300 22.54 8.14 -6.18
C MET B 300 22.90 7.07 -5.17
N ALA B 301 22.60 5.80 -5.45
CA ALA B 301 23.07 4.72 -4.59
C ALA B 301 24.57 4.53 -4.79
N ALA B 302 25.25 4.12 -3.72
CA ALA B 302 26.65 3.74 -3.87
C ALA B 302 26.76 2.42 -4.62
N CYS B 303 25.82 1.50 -4.37
CA CYS B 303 25.78 0.23 -5.06
C CYS B 303 25.37 0.42 -6.51
N ASP B 304 25.71 -0.56 -7.34
CA ASP B 304 25.33 -0.56 -8.74
C ASP B 304 23.93 -1.14 -8.92
N PRO B 305 22.97 -0.33 -9.37
CA PRO B 305 21.57 -0.78 -9.40
C PRO B 305 21.28 -1.80 -10.47
N ARG B 306 22.14 -1.94 -11.48
CA ARG B 306 21.96 -3.00 -12.46
C ARG B 306 22.18 -4.36 -11.82
N HIS B 307 23.11 -4.44 -10.89
CA HIS B 307 23.46 -5.70 -10.24
C HIS B 307 22.36 -6.06 -9.26
N GLY B 308 21.33 -6.71 -9.78
CA GLY B 308 20.20 -7.11 -8.97
C GLY B 308 18.87 -6.89 -9.66
N ARG B 309 17.77 -7.30 -9.02
CA ARG B 309 16.45 -7.15 -9.60
C ARG B 309 15.95 -5.73 -9.42
N TYR B 310 14.75 -5.47 -9.94
CA TYR B 310 14.01 -4.25 -9.67
C TYR B 310 12.68 -4.58 -9.02
N LEU B 311 12.28 -3.75 -8.06
CA LEU B 311 10.99 -3.89 -7.39
C LEU B 311 9.96 -2.95 -7.99
N THR B 312 10.24 -1.65 -8.00
CA THR B 312 9.27 -0.68 -8.47
C THR B 312 9.99 0.54 -9.04
N VAL B 313 9.73 0.83 -10.30
CA VAL B 313 10.18 2.07 -10.91
C VAL B 313 9.14 3.15 -10.61
N ALA B 314 9.56 4.17 -9.89
CA ALA B 314 8.73 5.34 -9.63
C ALA B 314 9.31 6.49 -10.43
N ALA B 315 8.75 6.73 -11.61
CA ALA B 315 9.22 7.79 -12.48
C ALA B 315 8.33 9.01 -12.33
N VAL B 316 8.95 10.19 -12.26
CA VAL B 316 8.24 11.44 -12.15
C VAL B 316 8.59 12.28 -13.37
N PHE B 317 7.59 12.61 -14.16
CA PHE B 317 7.78 13.40 -15.38
C PHE B 317 7.11 14.75 -15.19
N ARG B 318 7.63 15.75 -15.90
CA ARG B 318 7.09 17.10 -15.81
C ARG B 318 7.44 17.86 -17.09
N GLY B 319 6.46 18.58 -17.60
CA GLY B 319 6.59 19.21 -18.91
C GLY B 319 5.49 18.74 -19.85
N ARG B 320 5.22 19.50 -20.89
CA ARG B 320 4.16 19.16 -21.84
C ARG B 320 4.62 17.98 -22.69
N MET B 321 3.97 16.84 -22.52
CA MET B 321 4.49 15.62 -23.13
C MET B 321 3.36 14.62 -23.33
N SER B 322 3.62 13.62 -24.16
CA SER B 322 2.62 12.66 -24.59
C SER B 322 2.75 11.36 -23.81
N MET B 323 1.61 10.85 -23.34
CA MET B 323 1.61 9.66 -22.51
C MET B 323 1.86 8.40 -23.29
N LYS B 324 1.59 8.40 -24.59
CA LYS B 324 1.85 7.21 -25.40
C LYS B 324 3.34 6.94 -25.49
N GLU B 325 4.13 7.98 -25.69
CA GLU B 325 5.57 7.84 -25.64
C GLU B 325 6.13 7.92 -24.22
N VAL B 326 5.26 7.86 -23.21
CA VAL B 326 5.66 7.50 -21.86
C VAL B 326 5.58 5.98 -21.75
N ASP B 327 4.37 5.44 -21.99
CA ASP B 327 4.13 4.02 -21.78
C ASP B 327 4.87 3.16 -22.78
N GLU B 328 5.17 3.68 -23.96
CA GLU B 328 5.93 2.92 -24.95
C GLU B 328 7.38 2.76 -24.50
N GLN B 329 7.99 3.85 -24.01
CA GLN B 329 9.32 3.78 -23.43
C GLN B 329 9.34 2.88 -22.21
N MET B 330 8.29 2.93 -21.40
CA MET B 330 8.22 2.07 -20.23
C MET B 330 8.06 0.60 -20.62
N LEU B 331 7.40 0.32 -21.73
CA LEU B 331 7.35 -1.04 -22.23
C LEU B 331 8.69 -1.50 -22.76
N ASN B 332 9.46 -0.59 -23.38
CA ASN B 332 10.82 -0.92 -23.79
C ASN B 332 11.70 -1.24 -22.60
N VAL B 333 11.50 -0.53 -21.48
CA VAL B 333 12.24 -0.85 -20.27
C VAL B 333 11.73 -2.16 -19.67
N GLN B 334 10.45 -2.43 -19.79
CA GLN B 334 9.90 -3.73 -19.39
C GLN B 334 10.30 -4.86 -20.34
N ASN B 335 10.96 -4.59 -21.44
CA ASN B 335 11.34 -5.70 -22.30
C ASN B 335 12.85 -5.91 -22.43
N LYS B 336 13.65 -4.83 -22.42
CA LYS B 336 15.08 -5.00 -22.61
C LYS B 336 15.75 -5.61 -21.38
N ASN B 337 15.66 -4.93 -20.24
CA ASN B 337 16.26 -5.41 -19.00
C ASN B 337 15.39 -6.41 -18.25
N SER B 338 14.47 -7.06 -18.96
CA SER B 338 13.37 -7.84 -18.39
C SER B 338 13.83 -9.07 -17.61
N SER B 339 15.12 -9.44 -17.68
CA SER B 339 15.61 -10.52 -16.85
C SER B 339 15.70 -10.08 -15.38
N TYR B 340 16.43 -9.00 -15.12
CA TYR B 340 16.55 -8.47 -13.77
C TYR B 340 15.54 -7.36 -13.50
N PHE B 341 14.29 -7.65 -13.85
CA PHE B 341 13.20 -6.69 -13.76
C PHE B 341 11.96 -7.40 -13.22
N VAL B 342 12.14 -8.10 -12.09
CA VAL B 342 11.57 -9.40 -11.74
C VAL B 342 10.09 -9.59 -12.12
N GLU B 343 9.80 -10.77 -12.68
CA GLU B 343 8.68 -10.93 -13.60
C GLU B 343 7.34 -11.01 -12.89
N TRP B 344 7.31 -11.59 -11.69
CA TRP B 344 6.05 -11.94 -11.05
C TRP B 344 5.26 -10.72 -10.61
N ILE B 345 5.90 -9.57 -10.47
CA ILE B 345 5.21 -8.28 -10.43
C ILE B 345 5.19 -7.75 -11.85
N PRO B 346 4.06 -7.82 -12.56
CA PRO B 346 4.03 -7.51 -13.99
C PRO B 346 4.32 -6.06 -14.33
N ASN B 347 3.60 -5.13 -13.72
CA ASN B 347 3.91 -3.72 -13.85
C ASN B 347 4.90 -3.37 -12.74
N ASN B 348 6.10 -2.97 -13.13
CA ASN B 348 7.09 -2.48 -12.19
C ASN B 348 7.23 -0.98 -12.25
N VAL B 349 6.37 -0.32 -13.01
CA VAL B 349 6.51 1.08 -13.36
C VAL B 349 5.42 1.88 -12.66
N LYS B 350 5.77 3.05 -12.13
CA LYS B 350 4.76 4.00 -11.70
C LYS B 350 5.04 5.36 -12.32
N THR B 351 4.01 5.98 -12.85
CA THR B 351 4.13 7.17 -13.68
C THR B 351 3.54 8.37 -12.97
N ALA B 352 4.30 9.47 -12.92
CA ALA B 352 3.90 10.69 -12.25
C ALA B 352 4.15 11.86 -13.19
N VAL B 353 3.07 12.51 -13.62
CA VAL B 353 3.13 13.50 -14.69
C VAL B 353 2.63 14.84 -14.18
N CYS B 354 3.50 15.85 -14.20
CA CYS B 354 3.11 17.21 -13.93
C CYS B 354 3.01 18.02 -15.21
N ASP B 355 2.33 19.15 -15.12
CA ASP B 355 2.16 19.99 -16.31
C ASP B 355 3.31 20.96 -16.48
N ILE B 356 3.81 21.52 -15.38
CA ILE B 356 4.70 22.67 -15.45
C ILE B 356 6.11 22.18 -15.77
N PRO B 357 6.91 22.97 -16.47
CA PRO B 357 8.34 22.73 -16.52
C PRO B 357 9.02 23.33 -15.31
N PRO B 358 10.33 23.17 -15.14
CA PRO B 358 11.04 24.04 -14.19
C PRO B 358 11.25 25.44 -14.73
N ARG B 359 12.03 26.24 -14.00
CA ARG B 359 12.14 27.67 -14.29
C ARG B 359 12.88 27.92 -15.60
N GLY B 360 13.98 27.22 -15.84
CA GLY B 360 14.73 27.44 -17.05
C GLY B 360 14.68 26.31 -18.05
N LEU B 361 14.67 25.08 -17.56
CA LEU B 361 14.70 23.92 -18.44
C LEU B 361 13.31 23.65 -19.00
N LYS B 362 13.29 23.17 -20.25
CA LYS B 362 12.01 22.93 -20.94
C LYS B 362 11.33 21.67 -20.44
N MET B 363 12.09 20.59 -20.21
CA MET B 363 11.50 19.35 -19.77
C MET B 363 12.49 18.61 -18.88
N SER B 364 12.00 18.02 -17.80
CA SER B 364 12.87 17.31 -16.87
C SER B 364 12.13 16.11 -16.32
N ALA B 365 12.89 15.21 -15.68
CA ALA B 365 12.32 14.02 -15.08
C ALA B 365 13.05 13.72 -13.77
N THR B 366 12.43 12.85 -12.98
CA THR B 366 12.91 12.48 -11.65
C THR B 366 12.64 11.01 -11.42
N PHE B 367 13.68 10.27 -11.07
CA PHE B 367 13.55 8.84 -10.86
C PHE B 367 13.67 8.49 -9.38
N ILE B 368 12.80 7.60 -8.92
CA ILE B 368 12.84 7.04 -7.58
C ILE B 368 12.81 5.52 -7.71
N GLY B 369 13.76 4.84 -7.08
CA GLY B 369 13.97 3.44 -7.34
C GLY B 369 14.10 2.59 -6.09
N ASN B 370 13.77 1.31 -6.26
CA ASN B 370 13.96 0.29 -5.23
C ASN B 370 14.43 -0.98 -5.93
N SER B 371 15.65 -1.40 -5.65
CA SER B 371 16.24 -2.59 -6.23
C SER B 371 16.69 -3.53 -5.13
N THR B 372 17.11 -4.72 -5.53
CA THR B 372 17.78 -5.61 -4.59
C THR B 372 19.23 -5.25 -4.38
N ALA B 373 19.76 -4.26 -5.12
CA ALA B 373 21.18 -3.93 -5.03
C ALA B 373 21.56 -3.25 -3.72
N ILE B 374 20.58 -2.75 -2.96
CA ILE B 374 20.88 -2.14 -1.67
C ILE B 374 21.31 -3.20 -0.65
N GLN B 375 21.00 -4.48 -0.92
CA GLN B 375 21.65 -5.59 -0.23
C GLN B 375 23.16 -5.47 -0.33
N GLU B 376 23.69 -5.24 -1.52
CA GLU B 376 25.12 -5.00 -1.66
C GLU B 376 25.47 -3.53 -1.54
N LEU B 377 24.88 -2.89 -0.56
CA LEU B 377 25.38 -1.69 0.09
C LEU B 377 25.34 -1.85 1.60
N PHE B 378 24.26 -2.41 2.12
CA PHE B 378 24.21 -2.62 3.56
C PHE B 378 24.95 -3.86 4.00
N LYS B 379 25.22 -4.81 3.10
CA LYS B 379 26.17 -5.86 3.43
C LYS B 379 27.57 -5.29 3.60
N ARG B 380 27.91 -4.29 2.77
CA ARG B 380 29.21 -3.65 2.89
C ARG B 380 29.30 -2.82 4.17
N ILE B 381 28.20 -2.15 4.53
CA ILE B 381 28.18 -1.44 5.80
C ILE B 381 28.23 -2.41 6.98
N SER B 382 27.58 -3.57 6.87
CA SER B 382 27.65 -4.60 7.90
C SER B 382 29.07 -5.14 8.03
N GLU B 383 29.76 -5.28 6.91
CA GLU B 383 31.14 -5.77 6.93
C GLU B 383 32.07 -4.77 7.58
N GLN B 384 31.92 -3.49 7.23
CA GLN B 384 32.71 -2.44 7.88
C GLN B 384 32.35 -2.26 9.34
N PHE B 385 31.14 -2.64 9.73
CA PHE B 385 30.79 -2.64 11.14
C PHE B 385 31.49 -3.77 11.88
N THR B 386 31.22 -5.01 11.48
CA THR B 386 31.70 -6.18 12.20
C THR B 386 33.20 -6.38 12.07
N ALA B 387 33.85 -5.71 11.12
CA ALA B 387 35.31 -5.75 11.02
C ALA B 387 35.96 -5.15 12.25
N MET B 388 35.76 -3.85 12.48
CA MET B 388 36.33 -3.18 13.63
C MET B 388 35.31 -2.99 14.74
N PHE B 389 34.40 -3.95 14.87
CA PHE B 389 33.67 -4.14 16.12
C PHE B 389 34.51 -4.93 17.11
N ARG B 390 35.45 -5.71 16.62
CA ARG B 390 36.02 -6.81 17.40
C ARG B 390 37.06 -6.33 18.40
N ARG B 391 37.94 -5.40 18.01
CA ARG B 391 39.12 -5.11 18.81
C ARG B 391 38.86 -4.15 19.97
N LYS B 392 37.76 -3.39 19.93
CA LYS B 392 37.17 -2.65 21.05
C LYS B 392 38.00 -1.50 21.60
N ALA B 393 39.22 -1.25 21.11
CA ALA B 393 40.17 -0.39 21.83
C ALA B 393 39.82 1.09 21.75
N PHE B 394 39.17 1.53 20.68
CA PHE B 394 38.50 2.83 20.63
C PHE B 394 37.01 2.64 20.39
N LEU B 395 36.42 1.73 21.18
CA LEU B 395 34.98 1.55 21.25
C LEU B 395 34.38 2.04 22.57
N HIS B 396 35.19 2.20 23.62
CA HIS B 396 34.66 2.54 24.94
C HIS B 396 34.24 4.00 25.07
N TRP B 397 34.15 4.80 24.00
CA TRP B 397 33.47 6.08 24.11
C TRP B 397 31.99 5.90 24.38
N TYR B 398 31.37 4.86 23.83
CA TYR B 398 29.93 4.75 23.85
C TYR B 398 29.39 4.13 25.12
N THR B 399 30.23 3.39 25.85
CA THR B 399 29.74 2.53 26.94
C THR B 399 29.23 3.34 28.11
N GLY B 400 29.96 4.39 28.50
CA GLY B 400 29.58 5.23 29.61
C GLY B 400 28.48 6.23 29.31
N GLU B 401 27.88 6.19 28.12
CA GLU B 401 26.81 7.09 27.77
C GLU B 401 25.44 6.42 27.89
N GLY B 402 25.36 5.28 28.55
CA GLY B 402 24.13 4.53 28.67
C GLY B 402 23.96 3.43 27.66
N MET B 403 24.82 3.36 26.65
CA MET B 403 24.77 2.27 25.70
C MET B 403 25.26 0.98 26.33
N ASP B 404 24.53 -0.11 26.10
CA ASP B 404 24.88 -1.42 26.63
C ASP B 404 25.35 -2.34 25.50
N GLU B 405 25.82 -3.52 25.91
CA GLU B 405 26.46 -4.43 24.97
C GLU B 405 25.45 -5.08 24.03
N MET B 406 24.24 -5.36 24.52
CA MET B 406 23.28 -6.12 23.73
C MET B 406 22.68 -5.31 22.60
N GLU B 407 22.68 -3.98 22.74
CA GLU B 407 22.03 -3.11 21.77
C GLU B 407 22.72 -3.17 20.42
N PHE B 408 24.06 -3.19 20.43
CA PHE B 408 24.82 -3.28 19.18
C PHE B 408 24.55 -4.58 18.46
N THR B 409 24.43 -5.68 19.21
CA THR B 409 24.26 -6.97 18.56
C THR B 409 22.84 -7.13 18.01
N GLU B 410 21.85 -6.58 18.72
CA GLU B 410 20.50 -6.62 18.17
C GLU B 410 20.37 -5.73 16.95
N ALA B 411 21.09 -4.60 16.96
CA ALA B 411 21.13 -3.75 15.77
C ALA B 411 21.78 -4.48 14.60
N GLU B 412 22.85 -5.24 14.89
CA GLU B 412 23.50 -6.06 13.89
C GLU B 412 22.55 -7.09 13.29
N SER B 413 21.78 -7.77 14.13
CA SER B 413 20.88 -8.82 13.64
C SER B 413 19.71 -8.23 12.87
N ASN B 414 19.19 -7.08 13.31
CA ASN B 414 18.09 -6.43 12.61
C ASN B 414 18.52 -5.97 11.23
N MET B 415 19.68 -5.31 11.14
CA MET B 415 20.18 -4.89 9.85
C MET B 415 20.59 -6.09 8.99
N ASN B 416 21.03 -7.18 9.62
CA ASN B 416 21.51 -8.31 8.84
C ASN B 416 20.36 -9.12 8.25
N ASP B 417 19.28 -9.37 8.99
CA ASP B 417 18.17 -10.05 8.32
C ASP B 417 17.37 -9.11 7.43
N LEU B 418 17.48 -7.78 7.64
CA LEU B 418 17.03 -6.85 6.61
C LEU B 418 17.81 -7.03 5.32
N VAL B 419 19.10 -7.35 5.41
CA VAL B 419 19.85 -7.72 4.22
C VAL B 419 19.38 -9.08 3.69
N SER B 420 19.06 -10.00 4.59
CA SER B 420 18.78 -11.38 4.19
C SER B 420 17.46 -11.52 3.43
N GLU B 421 16.48 -10.65 3.70
CA GLU B 421 15.26 -10.73 2.91
C GLU B 421 15.49 -10.32 1.46
N TYR B 422 16.40 -9.37 1.22
CA TYR B 422 16.78 -9.06 -0.14
C TYR B 422 17.71 -10.09 -0.74
N GLN B 423 18.45 -10.83 0.10
CA GLN B 423 19.14 -12.01 -0.38
C GLN B 423 18.15 -13.04 -0.91
N GLN B 424 16.99 -13.15 -0.27
CA GLN B 424 15.93 -14.01 -0.79
C GLN B 424 15.36 -13.47 -2.09
N TYR B 425 14.85 -12.23 -2.07
CA TYR B 425 14.05 -11.78 -3.20
C TYR B 425 14.87 -11.32 -4.41
N GLN B 426 16.19 -11.52 -4.41
CA GLN B 426 16.93 -11.32 -5.64
C GLN B 426 16.71 -12.47 -6.62
N ASP B 427 16.24 -13.62 -6.13
CA ASP B 427 15.94 -14.74 -7.00
C ASP B 427 14.48 -15.15 -6.91
N GLU C 13 21.13 -31.76 18.36
CA GLU C 13 20.39 -31.05 19.40
C GLU C 13 19.18 -30.34 18.81
N GLU C 14 18.89 -30.62 17.55
CA GLU C 14 17.77 -30.00 16.84
C GLU C 14 16.72 -31.05 16.57
N ALA C 15 15.49 -30.79 16.99
CA ALA C 15 14.40 -31.75 16.98
C ALA C 15 13.20 -31.20 16.22
N PRO C 16 12.37 -32.08 15.61
CA PRO C 16 11.15 -31.59 14.95
C PRO C 16 10.03 -31.26 15.91
N VAL C 17 8.86 -30.91 15.37
CA VAL C 17 7.78 -30.29 16.14
C VAL C 17 6.82 -31.37 16.63
N ARG C 18 6.41 -31.25 17.89
CA ARG C 18 5.43 -32.14 18.50
C ARG C 18 4.09 -31.41 18.64
N VAL C 19 3.00 -32.15 18.50
CA VAL C 19 1.65 -31.59 18.41
C VAL C 19 0.74 -32.31 19.40
N ALA C 20 0.00 -31.54 20.19
CA ALA C 20 -1.05 -32.07 21.06
C ALA C 20 -2.39 -31.45 20.71
N LEU C 21 -3.42 -32.28 20.60
CA LEU C 21 -4.78 -31.83 20.33
C LEU C 21 -5.69 -32.25 21.47
N ARG C 22 -6.46 -31.30 22.00
CA ARG C 22 -7.36 -31.56 23.11
C ARG C 22 -8.68 -30.86 22.86
N VAL C 23 -9.78 -31.59 23.02
CA VAL C 23 -11.13 -31.03 22.92
C VAL C 23 -11.60 -30.70 24.33
N ARG C 24 -12.28 -29.56 24.47
CA ARG C 24 -12.86 -29.37 25.78
C ARG C 24 -14.25 -29.99 25.85
N PRO C 25 -14.73 -30.36 27.03
CA PRO C 25 -16.15 -30.71 27.16
C PRO C 25 -17.02 -29.48 27.07
N LEU C 26 -18.31 -29.71 26.77
CA LEU C 26 -19.21 -28.62 26.42
C LEU C 26 -19.67 -27.88 27.66
N LEU C 27 -19.55 -26.55 27.62
CA LEU C 27 -20.05 -25.66 28.66
C LEU C 27 -21.58 -25.56 28.57
N PRO C 28 -22.25 -25.25 29.69
CA PRO C 28 -23.73 -25.20 29.66
C PRO C 28 -24.31 -24.09 28.80
N LYS C 29 -23.80 -22.86 28.92
CA LYS C 29 -24.38 -21.72 28.24
C LYS C 29 -24.21 -21.78 26.72
N GLU C 30 -23.25 -22.55 26.23
CA GLU C 30 -23.14 -22.79 24.80
C GLU C 30 -24.05 -23.93 24.33
N LEU C 31 -24.77 -24.57 25.25
CA LEU C 31 -25.79 -25.56 24.91
C LEU C 31 -27.21 -25.05 25.17
N LEU C 32 -27.37 -24.03 26.01
CA LEU C 32 -28.70 -23.54 26.38
C LEU C 32 -29.42 -22.82 25.25
N HIS C 33 -28.72 -22.41 24.21
CA HIS C 33 -29.34 -21.80 23.05
C HIS C 33 -29.83 -22.82 22.03
N GLY C 34 -29.69 -24.11 22.31
CA GLY C 34 -30.14 -25.14 21.40
C GLY C 34 -29.11 -25.50 20.35
N HIS C 35 -27.87 -25.71 20.77
CA HIS C 35 -26.80 -26.09 19.87
C HIS C 35 -26.52 -27.59 19.96
N GLN C 36 -25.75 -28.08 18.98
CA GLN C 36 -25.43 -29.50 18.93
C GLN C 36 -23.94 -29.70 18.60
N SER C 37 -23.55 -30.93 18.32
CA SER C 37 -22.17 -31.28 18.10
C SER C 37 -21.83 -31.29 16.61
N CYS C 38 -20.53 -31.23 16.33
CA CYS C 38 -20.04 -31.35 14.96
C CYS C 38 -18.77 -32.18 14.84
N LEU C 39 -18.31 -32.80 15.92
CA LEU C 39 -17.05 -33.54 15.92
C LEU C 39 -17.30 -35.02 16.16
N GLN C 40 -16.27 -35.81 15.85
CA GLN C 40 -16.23 -37.23 16.21
C GLN C 40 -14.75 -37.57 16.41
N VAL C 41 -14.30 -37.53 17.66
CA VAL C 41 -12.88 -37.67 17.95
C VAL C 41 -12.46 -39.13 17.83
N GLU C 42 -11.44 -39.38 17.00
CA GLU C 42 -10.88 -40.71 16.82
C GLU C 42 -9.49 -40.71 17.46
N PRO C 43 -9.36 -41.17 18.71
CA PRO C 43 -8.05 -41.06 19.39
C PRO C 43 -7.02 -42.04 18.86
N GLY C 44 -7.44 -43.26 18.50
CA GLY C 44 -6.49 -44.19 17.91
C GLY C 44 -6.14 -43.83 16.49
N LEU C 45 -7.14 -43.43 15.69
CA LEU C 45 -6.90 -43.06 14.31
C LEU C 45 -6.23 -41.69 14.18
N GLY C 46 -6.31 -40.87 15.22
CA GLY C 46 -5.57 -39.63 15.24
C GLY C 46 -6.17 -38.50 14.44
N ARG C 47 -7.47 -38.49 14.21
CA ARG C 47 -8.13 -37.39 13.53
C ARG C 47 -9.55 -37.26 14.05
N VAL C 48 -10.36 -36.45 13.35
CA VAL C 48 -11.69 -36.09 13.82
C VAL C 48 -12.59 -35.96 12.59
N THR C 49 -13.89 -36.09 12.81
CA THR C 49 -14.88 -35.92 11.76
C THR C 49 -15.57 -34.58 12.00
N LEU C 50 -15.02 -33.53 11.41
CA LEU C 50 -15.63 -32.19 11.46
C LEU C 50 -16.72 -32.12 10.41
N GLY C 51 -17.97 -32.10 10.85
CA GLY C 51 -19.09 -32.18 9.93
C GLY C 51 -19.22 -33.55 9.32
N ARG C 52 -18.90 -33.69 8.05
CA ARG C 52 -19.02 -34.97 7.37
C ARG C 52 -17.74 -35.41 6.66
N ASP C 53 -16.98 -34.46 6.10
CA ASP C 53 -15.93 -34.77 5.15
C ASP C 53 -14.54 -34.41 5.66
N ARG C 54 -14.43 -33.56 6.67
CA ARG C 54 -13.16 -32.96 7.08
C ARG C 54 -12.48 -33.87 8.09
N HIS C 55 -11.44 -34.57 7.63
CA HIS C 55 -10.70 -35.54 8.45
C HIS C 55 -9.25 -35.10 8.52
N PHE C 56 -8.87 -34.48 9.65
CA PHE C 56 -7.60 -33.76 9.78
C PHE C 56 -6.72 -34.46 10.81
N GLY C 57 -5.63 -35.09 10.34
CA GLY C 57 -4.77 -35.83 11.23
C GLY C 57 -3.83 -34.94 12.03
N PHE C 58 -3.40 -35.45 13.19
CA PHE C 58 -2.48 -34.76 14.10
C PHE C 58 -1.56 -35.79 14.76
N HIS C 59 -0.72 -35.33 15.68
CA HIS C 59 0.15 -36.24 16.43
C HIS C 59 -0.56 -36.86 17.63
N VAL C 60 -0.96 -36.03 18.60
CA VAL C 60 -1.58 -36.50 19.83
C VAL C 60 -2.99 -35.95 19.87
N VAL C 61 -3.98 -36.84 19.82
CA VAL C 61 -5.39 -36.45 19.77
C VAL C 61 -6.05 -36.94 21.05
N LEU C 62 -6.69 -36.02 21.77
CA LEU C 62 -7.39 -36.32 23.00
C LEU C 62 -8.82 -35.83 22.89
N ALA C 63 -9.75 -36.59 23.47
CA ALA C 63 -11.16 -36.29 23.39
C ALA C 63 -11.52 -35.23 24.44
N GLU C 64 -12.81 -35.02 24.66
CA GLU C 64 -13.30 -34.02 25.60
C GLU C 64 -13.38 -34.54 27.03
N ASP C 65 -12.64 -35.60 27.36
CA ASP C 65 -12.59 -36.17 28.70
C ASP C 65 -11.19 -36.07 29.29
N ALA C 66 -10.41 -35.07 28.86
CA ALA C 66 -9.01 -34.96 29.24
C ALA C 66 -8.85 -33.98 30.38
N GLY C 67 -7.97 -34.31 31.31
CA GLY C 67 -7.56 -33.40 32.36
C GLY C 67 -6.25 -32.69 32.01
N GLN C 68 -5.78 -31.90 32.96
CA GLN C 68 -4.50 -31.24 32.78
C GLN C 68 -3.33 -32.18 33.00
N GLU C 69 -3.51 -33.18 33.86
CA GLU C 69 -2.46 -34.16 34.13
C GLU C 69 -2.26 -35.12 32.97
N ALA C 70 -3.31 -35.37 32.18
CA ALA C 70 -3.16 -36.22 31.00
C ALA C 70 -2.29 -35.55 29.94
N VAL C 71 -2.54 -34.26 29.66
CA VAL C 71 -1.69 -33.51 28.74
C VAL C 71 -0.31 -33.31 29.34
N TYR C 72 -0.22 -33.19 30.66
CA TYR C 72 1.05 -33.05 31.35
C TYR C 72 1.93 -34.27 31.17
N GLN C 73 1.40 -35.46 31.46
CA GLN C 73 2.13 -36.71 31.27
C GLN C 73 2.38 -37.01 29.79
N ALA C 74 1.47 -36.58 28.92
CA ALA C 74 1.66 -36.86 27.50
C ALA C 74 2.75 -36.01 26.88
N CYS C 75 2.87 -34.73 27.26
CA CYS C 75 3.78 -33.85 26.55
C CYS C 75 4.80 -33.15 27.43
N VAL C 76 4.42 -32.70 28.62
CA VAL C 76 5.31 -31.86 29.42
C VAL C 76 6.37 -32.72 30.12
N GLN C 77 6.04 -33.98 30.42
CA GLN C 77 7.02 -34.88 31.00
C GLN C 77 8.21 -35.20 30.07
N PRO C 78 8.05 -35.35 28.75
CA PRO C 78 9.26 -35.30 27.89
C PRO C 78 9.90 -33.92 27.82
N LEU C 79 9.14 -32.84 28.04
CA LEU C 79 9.74 -31.51 27.99
C LEU C 79 10.61 -31.25 29.21
N LEU C 80 10.25 -31.83 30.36
CA LEU C 80 10.95 -31.53 31.61
C LEU C 80 12.35 -32.13 31.62
N GLU C 81 12.53 -33.31 31.02
CA GLU C 81 13.86 -33.92 30.92
C GLU C 81 14.77 -33.07 30.04
N ALA C 82 14.27 -32.61 28.89
CA ALA C 82 15.06 -31.78 28.00
C ALA C 82 15.36 -30.42 28.63
N PHE C 83 14.43 -29.89 29.42
CA PHE C 83 14.70 -28.65 30.15
C PHE C 83 15.73 -28.87 31.25
N PHE C 84 15.77 -30.05 31.85
CA PHE C 84 16.82 -30.40 32.80
C PHE C 84 18.03 -31.04 32.12
N GLU C 85 18.13 -30.92 30.80
CA GLU C 85 19.33 -31.32 30.07
C GLU C 85 19.86 -30.19 29.18
N GLY C 86 19.50 -28.95 29.50
CA GLY C 86 20.10 -27.81 28.83
C GLY C 86 19.42 -27.34 27.57
N PHE C 87 18.21 -27.81 27.30
CA PHE C 87 17.50 -27.44 26.09
C PHE C 87 16.38 -26.47 26.41
N ASN C 88 16.10 -25.58 25.46
CA ASN C 88 15.00 -24.64 25.63
C ASN C 88 13.67 -25.36 25.48
N ALA C 89 12.66 -24.88 26.19
CA ALA C 89 11.35 -25.50 26.18
C ALA C 89 10.28 -24.43 26.13
N THR C 90 9.25 -24.66 25.32
CA THR C 90 8.19 -23.68 25.12
C THR C 90 6.88 -24.40 24.91
N VAL C 91 5.86 -23.99 25.66
CA VAL C 91 4.48 -24.40 25.43
C VAL C 91 3.64 -23.14 25.29
N PHE C 92 2.67 -23.17 24.38
CA PHE C 92 1.89 -21.99 24.07
C PHE C 92 0.42 -22.37 23.93
N ALA C 93 -0.44 -21.42 24.31
CA ALA C 93 -1.88 -21.65 24.42
C ALA C 93 -2.57 -20.97 23.26
N TYR C 94 -2.92 -21.76 22.25
CA TYR C 94 -3.67 -21.28 21.10
C TYR C 94 -5.09 -21.82 21.17
N GLY C 95 -6.03 -21.08 20.63
CA GLY C 95 -7.41 -21.51 20.62
C GLY C 95 -8.36 -20.33 20.67
N GLN C 96 -9.65 -20.67 20.59
CA GLN C 96 -10.71 -19.67 20.60
C GLN C 96 -10.88 -19.09 22.00
N THR C 97 -11.30 -17.82 22.05
CA THR C 97 -11.64 -17.18 23.32
C THR C 97 -12.83 -17.90 23.95
N GLY C 98 -12.59 -18.59 25.05
CA GLY C 98 -13.58 -19.47 25.65
C GLY C 98 -13.35 -20.95 25.38
N SER C 99 -12.42 -21.30 24.48
CA SER C 99 -12.14 -22.69 24.19
C SER C 99 -11.19 -23.32 25.21
N GLY C 100 -10.65 -22.55 26.15
CA GLY C 100 -9.91 -23.14 27.25
C GLY C 100 -8.42 -22.95 27.23
N LYS C 101 -7.94 -21.80 26.74
CA LYS C 101 -6.50 -21.54 26.74
C LYS C 101 -6.00 -21.29 28.16
N THR C 102 -6.71 -20.44 28.91
CA THR C 102 -6.37 -20.17 30.30
C THR C 102 -6.49 -21.43 31.14
N TYR C 103 -7.45 -22.31 30.82
CA TYR C 103 -7.53 -23.60 31.50
C TYR C 103 -6.38 -24.52 31.10
N THR C 104 -5.93 -24.44 29.84
CA THR C 104 -4.87 -25.34 29.37
C THR C 104 -3.54 -25.00 30.00
N MET C 105 -3.19 -23.71 30.03
CA MET C 105 -2.00 -23.30 30.75
C MET C 105 -2.20 -23.47 32.25
N GLY C 106 -3.26 -22.87 32.77
CA GLY C 106 -3.59 -22.97 34.18
C GLY C 106 -2.52 -22.41 35.10
N GLU C 107 -2.03 -21.22 34.78
CA GLU C 107 -1.01 -20.57 35.60
C GLU C 107 -1.66 -20.60 36.98
N ALA C 108 -1.12 -21.42 37.87
CA ALA C 108 -1.55 -21.49 39.27
C ALA C 108 -3.05 -21.31 39.40
N SER C 109 -3.80 -22.11 38.64
CA SER C 109 -5.26 -22.06 38.66
C SER C 109 -5.80 -22.26 40.07
N VAL C 110 -6.81 -21.47 40.42
CA VAL C 110 -7.42 -21.55 41.75
C VAL C 110 -8.91 -21.88 41.67
N ALA C 111 -9.70 -20.90 41.26
CA ALA C 111 -11.16 -21.09 41.16
C ALA C 111 -11.60 -22.47 40.67
N SER C 112 -10.93 -23.03 39.66
CA SER C 112 -11.11 -24.45 39.35
C SER C 112 -10.49 -25.31 40.43
N LEU C 113 -11.19 -25.42 41.56
CA LEU C 113 -10.74 -25.94 42.86
C LEU C 113 -10.10 -27.33 42.89
N LEU C 114 -10.55 -28.25 42.04
CA LEU C 114 -10.09 -29.62 42.17
C LEU C 114 -8.66 -29.78 41.69
N GLU C 115 -8.00 -30.82 42.21
CA GLU C 115 -6.56 -30.98 42.02
C GLU C 115 -6.21 -31.35 40.58
N ASP C 116 -7.13 -31.98 39.86
CA ASP C 116 -6.92 -32.28 38.46
C ASP C 116 -7.36 -31.13 37.55
N GLU C 117 -7.85 -30.03 38.14
CA GLU C 117 -8.39 -28.92 37.38
C GLU C 117 -7.46 -27.72 37.29
N GLN C 118 -6.35 -27.70 38.05
CA GLN C 118 -5.34 -26.69 37.80
C GLN C 118 -4.33 -27.22 36.79
N GLY C 119 -3.70 -26.30 36.09
CA GLY C 119 -2.93 -26.62 34.90
C GLY C 119 -1.50 -27.03 35.15
N ILE C 120 -0.67 -26.83 34.13
CA ILE C 120 0.71 -27.30 34.10
C ILE C 120 1.58 -26.48 35.04
N VAL C 121 1.14 -25.26 35.36
CA VAL C 121 2.01 -24.30 36.05
C VAL C 121 2.33 -24.69 37.49
N PRO C 122 1.39 -25.16 38.33
CA PRO C 122 1.83 -25.72 39.61
C PRO C 122 2.51 -27.07 39.47
N ARG C 123 2.22 -27.82 38.42
CA ARG C 123 2.72 -29.19 38.30
C ARG C 123 4.21 -29.20 37.98
N ALA C 124 4.66 -28.28 37.13
CA ALA C 124 6.07 -28.24 36.76
C ALA C 124 6.94 -27.79 37.93
N MET C 125 6.46 -26.83 38.72
CA MET C 125 7.18 -26.46 39.92
C MET C 125 7.06 -27.50 41.01
N ALA C 126 6.02 -28.34 40.98
CA ALA C 126 5.95 -29.46 41.91
C ALA C 126 6.96 -30.55 41.55
N GLU C 127 7.22 -30.75 40.26
CA GLU C 127 8.18 -31.77 39.83
C GLU C 127 9.60 -31.25 39.68
N ALA C 128 9.82 -29.93 39.80
CA ALA C 128 11.17 -29.41 39.69
C ALA C 128 12.02 -29.79 40.90
N PHE C 129 11.52 -29.54 42.11
CA PHE C 129 12.30 -29.70 43.33
C PHE C 129 12.62 -31.15 43.66
N LYS C 130 11.99 -32.11 43.01
CA LYS C 130 12.38 -33.51 43.16
C LYS C 130 13.74 -33.77 42.53
N LEU C 131 14.09 -33.02 41.48
CA LEU C 131 15.36 -33.17 40.78
C LEU C 131 16.32 -32.01 41.02
N ILE C 132 15.86 -30.91 41.62
CA ILE C 132 16.77 -29.81 41.94
C ILE C 132 17.78 -30.24 43.01
N ASP C 133 17.31 -30.88 44.07
CA ASP C 133 18.20 -31.35 45.12
C ASP C 133 19.07 -32.51 44.64
N GLU C 134 18.58 -33.28 43.68
CA GLU C 134 19.39 -34.37 43.12
C GLU C 134 20.44 -33.83 42.16
N ASN C 135 20.14 -32.76 41.44
CA ASN C 135 21.13 -32.08 40.61
C ASN C 135 21.84 -30.97 41.39
N ASP C 136 22.36 -31.31 42.57
CA ASP C 136 23.10 -30.34 43.39
C ASP C 136 24.58 -30.26 43.02
N LEU C 137 25.06 -31.15 42.16
CA LEU C 137 26.44 -31.05 41.68
C LEU C 137 26.61 -29.86 40.76
N LEU C 138 25.73 -29.73 39.76
CA LEU C 138 25.75 -28.58 38.88
C LEU C 138 25.04 -27.40 39.52
N ASP C 139 25.47 -26.20 39.17
CA ASP C 139 24.83 -24.98 39.67
C ASP C 139 23.46 -24.85 39.03
N CYS C 140 22.42 -24.83 39.86
CA CYS C 140 21.03 -24.84 39.38
C CYS C 140 20.27 -23.72 40.08
N LEU C 141 19.89 -22.70 39.31
CA LEU C 141 19.13 -21.57 39.83
C LEU C 141 17.94 -21.33 38.90
N VAL C 142 16.77 -21.13 39.50
CA VAL C 142 15.52 -21.00 38.77
C VAL C 142 14.94 -19.63 39.05
N HIS C 143 14.70 -18.85 37.99
CA HIS C 143 14.13 -17.52 38.11
C HIS C 143 12.97 -17.36 37.13
N VAL C 144 11.99 -16.54 37.52
CA VAL C 144 10.73 -16.43 36.80
C VAL C 144 10.54 -15.00 36.33
N SER C 145 9.60 -14.83 35.40
CA SER C 145 9.34 -13.53 34.78
C SER C 145 7.98 -13.59 34.11
N TYR C 146 7.08 -12.67 34.45
CA TYR C 146 5.69 -12.71 33.98
C TYR C 146 5.35 -11.37 33.36
N LEU C 147 4.93 -11.40 32.10
CA LEU C 147 4.80 -10.20 31.28
C LEU C 147 3.49 -10.23 30.51
N GLU C 148 3.12 -9.08 29.92
CA GLU C 148 1.92 -8.96 29.10
C GLU C 148 2.25 -8.18 27.84
N VAL C 149 1.67 -8.59 26.71
CA VAL C 149 1.85 -7.93 25.43
C VAL C 149 0.49 -7.52 24.89
N TYR C 150 0.32 -6.22 24.63
CA TYR C 150 -0.93 -5.70 24.08
C TYR C 150 -0.64 -4.38 23.38
N LYS C 151 -1.41 -4.12 22.30
CA LYS C 151 -1.33 -2.92 21.48
C LYS C 151 0.07 -2.69 20.92
N GLU C 152 0.72 -3.80 20.54
CA GLU C 152 2.11 -3.85 20.07
C GLU C 152 3.07 -3.22 21.08
N GLU C 153 2.77 -3.44 22.36
CA GLU C 153 3.57 -2.91 23.47
C GLU C 153 3.72 -4.00 24.51
N PHE C 154 4.35 -3.65 25.63
CA PHE C 154 4.61 -4.61 26.69
C PHE C 154 3.97 -4.16 27.99
N ARG C 155 3.99 -5.07 28.98
CA ARG C 155 3.60 -4.74 30.34
C ARG C 155 4.29 -5.69 31.30
N ASP C 156 5.04 -5.11 32.24
CA ASP C 156 5.70 -5.87 33.30
C ASP C 156 4.61 -6.26 34.31
N LEU C 157 4.19 -7.53 34.28
CA LEU C 157 3.15 -7.97 35.20
C LEU C 157 3.68 -8.26 36.60
N LEU C 158 4.99 -8.24 36.81
CA LEU C 158 5.56 -8.23 38.14
C LEU C 158 5.73 -6.81 38.68
N GLU C 159 5.08 -5.84 38.04
CA GLU C 159 5.18 -4.43 38.40
C GLU C 159 3.80 -3.80 38.26
N VAL C 160 3.51 -2.83 39.13
CA VAL C 160 2.26 -2.09 38.99
C VAL C 160 2.29 -1.14 37.80
N GLY C 161 3.48 -0.80 37.31
CA GLY C 161 3.57 0.02 36.12
C GLY C 161 5.00 0.34 35.71
N THR C 162 5.28 0.17 34.42
CA THR C 162 6.52 0.59 33.80
C THR C 162 6.19 0.90 32.35
N ALA C 163 6.69 2.03 31.85
CA ALA C 163 6.34 2.49 30.51
C ALA C 163 6.86 1.54 29.45
N SER C 164 5.97 1.15 28.52
CA SER C 164 6.34 0.24 27.45
C SER C 164 7.31 0.88 26.46
N ARG C 165 7.32 2.21 26.37
CA ARG C 165 8.33 2.91 25.58
C ARG C 165 9.72 2.80 26.22
N ASP C 166 9.80 2.49 27.51
CA ASP C 166 11.07 2.34 28.19
C ASP C 166 11.58 0.91 28.20
N ILE C 167 10.74 -0.07 27.88
CA ILE C 167 11.14 -1.46 27.81
C ILE C 167 11.24 -1.86 26.35
N GLN C 168 12.42 -2.32 25.93
CA GLN C 168 12.63 -2.80 24.58
C GLN C 168 13.34 -4.15 24.61
N LEU C 169 13.49 -4.74 23.44
CA LEU C 169 14.08 -6.07 23.30
C LEU C 169 15.58 -5.93 23.06
N ARG C 170 16.29 -7.05 23.16
CA ARG C 170 17.72 -7.13 22.84
C ARG C 170 17.99 -8.45 22.13
N GLU C 171 19.27 -8.70 21.84
CA GLU C 171 19.73 -9.97 21.29
C GLU C 171 21.24 -10.08 21.52
N ASP C 172 21.70 -11.27 21.91
CA ASP C 172 23.08 -11.44 22.34
C ASP C 172 24.00 -11.85 21.18
N GLU C 173 25.30 -11.92 21.49
CA GLU C 173 26.29 -12.32 20.51
C GLU C 173 26.21 -13.80 20.16
N ARG C 174 25.65 -14.63 21.05
CA ARG C 174 25.44 -16.03 20.70
C ARG C 174 24.31 -16.18 19.70
N GLY C 175 23.28 -15.33 19.81
CA GLY C 175 22.22 -15.30 18.82
C GLY C 175 20.85 -15.63 19.36
N ASN C 176 20.58 -15.34 20.62
CA ASN C 176 19.31 -15.64 21.24
C ASN C 176 18.64 -14.36 21.74
N VAL C 177 17.36 -14.49 22.07
CA VAL C 177 16.53 -13.34 22.43
C VAL C 177 16.83 -12.92 23.86
N VAL C 178 17.16 -11.65 24.06
CA VAL C 178 17.49 -11.09 25.36
C VAL C 178 16.42 -10.05 25.72
N LEU C 179 16.06 -10.01 27.00
CA LEU C 179 15.10 -9.06 27.52
C LEU C 179 15.79 -8.06 28.44
N CYS C 180 15.12 -6.93 28.67
CA CYS C 180 15.57 -5.94 29.62
C CYS C 180 14.37 -5.32 30.33
N GLY C 181 14.63 -4.76 31.51
CA GLY C 181 13.59 -4.14 32.29
C GLY C 181 12.56 -5.10 32.82
N VAL C 182 12.96 -6.33 33.12
CA VAL C 182 12.03 -7.38 33.56
C VAL C 182 12.46 -7.83 34.95
N LYS C 183 11.51 -7.83 35.89
CA LYS C 183 11.79 -8.29 37.24
C LYS C 183 12.05 -9.79 37.26
N GLU C 184 13.11 -10.19 37.94
CA GLU C 184 13.46 -11.59 38.11
C GLU C 184 13.43 -11.94 39.58
N VAL C 185 12.82 -13.09 39.89
CA VAL C 185 12.76 -13.60 41.26
C VAL C 185 13.33 -15.02 41.23
N ASP C 186 14.48 -15.20 41.86
CA ASP C 186 15.01 -16.55 42.07
C ASP C 186 14.08 -17.30 43.00
N VAL C 187 13.34 -18.24 42.48
CA VAL C 187 12.29 -18.90 43.24
C VAL C 187 12.87 -20.09 43.99
N GLU C 188 12.33 -20.33 45.18
CA GLU C 188 12.73 -21.46 46.00
C GLU C 188 11.56 -22.33 46.40
N GLY C 189 10.34 -21.99 46.00
CA GLY C 189 9.19 -22.78 46.36
C GLY C 189 8.02 -22.51 45.44
N LEU C 190 7.05 -23.42 45.48
CA LEU C 190 5.80 -23.24 44.75
C LEU C 190 4.98 -22.08 45.33
N ASP C 191 5.20 -21.75 46.62
CA ASP C 191 4.46 -20.68 47.26
C ASP C 191 4.78 -19.33 46.63
N GLU C 192 6.06 -19.07 46.31
CA GLU C 192 6.43 -17.84 45.65
C GLU C 192 5.89 -17.78 44.22
N VAL C 193 5.88 -18.91 43.54
CA VAL C 193 5.40 -18.97 42.16
C VAL C 193 3.92 -18.68 42.09
N LEU C 194 3.12 -19.41 42.87
CA LEU C 194 1.68 -19.18 42.87
C LEU C 194 1.30 -17.87 43.57
N SER C 195 2.15 -17.31 44.43
CA SER C 195 1.88 -16.00 45.00
C SER C 195 2.07 -14.90 43.95
N LEU C 196 3.18 -14.97 43.20
CA LEU C 196 3.41 -13.97 42.16
C LEU C 196 2.47 -14.15 40.98
N LEU C 197 1.98 -15.35 40.73
CA LEU C 197 0.99 -15.52 39.69
C LEU C 197 -0.43 -15.24 40.16
N GLU C 198 -0.69 -15.31 41.47
CA GLU C 198 -1.91 -14.74 42.01
C GLU C 198 -1.88 -13.23 41.90
N MET C 199 -0.73 -12.64 42.17
CA MET C 199 -0.55 -11.19 42.09
C MET C 199 -0.49 -10.77 40.63
N GLY C 200 0.12 -11.61 39.81
CA GLY C 200 0.24 -11.33 38.39
C GLY C 200 -1.13 -11.30 37.74
N ASN C 201 -1.99 -12.22 38.15
CA ASN C 201 -3.35 -12.29 37.62
C ASN C 201 -4.26 -11.34 38.38
N ALA C 202 -3.80 -10.90 39.55
CA ALA C 202 -4.56 -9.99 40.38
C ALA C 202 -4.26 -8.54 40.00
N ALA C 203 -3.24 -8.36 39.17
CA ALA C 203 -2.85 -7.03 38.72
C ALA C 203 -3.01 -6.90 37.20
N ARG C 204 -3.59 -7.93 36.59
CA ARG C 204 -3.81 -7.94 35.15
C ARG C 204 -4.93 -8.90 34.77
N HIS C 205 -5.87 -9.10 35.69
CA HIS C 205 -7.00 -10.00 35.44
C HIS C 205 -7.74 -9.62 34.17
N THR C 206 -8.05 -8.33 34.03
CA THR C 206 -8.75 -7.83 32.84
C THR C 206 -7.76 -7.26 31.83
N GLY C 207 -6.52 -7.08 32.26
CA GLY C 207 -5.48 -6.53 31.40
C GLY C 207 -4.73 -5.38 32.04
N ALA C 208 -3.66 -5.71 32.75
CA ALA C 208 -2.83 -4.72 33.43
C ALA C 208 -3.65 -3.74 34.26
N THR C 209 -4.53 -4.28 35.10
CA THR C 209 -5.39 -3.47 35.97
C THR C 209 -6.11 -2.36 35.22
N HIS C 210 -7.00 -2.73 34.31
CA HIS C 210 -7.76 -1.77 33.52
C HIS C 210 -9.08 -2.37 33.07
N LEU C 211 -10.03 -1.51 32.70
CA LEU C 211 -11.33 -1.94 32.24
C LEU C 211 -11.21 -2.95 31.10
N ASN C 212 -11.71 -4.16 31.33
CA ASN C 212 -11.65 -5.22 30.33
C ASN C 212 -12.25 -4.76 28.99
N HIS C 213 -11.38 -4.58 28.01
CA HIS C 213 -11.83 -4.15 26.66
C HIS C 213 -11.19 -5.26 25.82
N LEU C 214 -11.69 -6.49 26.03
CA LEU C 214 -11.11 -7.73 25.52
C LEU C 214 -9.66 -7.88 25.98
N SER C 215 -9.51 -8.11 27.29
CA SER C 215 -8.18 -8.34 27.84
C SER C 215 -7.61 -9.69 27.41
N SER C 216 -8.48 -10.64 27.04
CA SER C 216 -8.02 -11.92 26.52
C SER C 216 -7.52 -11.83 25.08
N ARG C 217 -7.77 -10.70 24.40
CA ARG C 217 -7.24 -10.42 23.08
C ARG C 217 -5.74 -10.08 23.13
N SER C 218 -5.19 -9.85 24.32
CA SER C 218 -3.78 -9.55 24.49
C SER C 218 -2.95 -10.83 24.51
N HIS C 219 -1.64 -10.67 24.65
CA HIS C 219 -0.72 -11.78 24.88
C HIS C 219 -0.10 -11.62 26.27
N THR C 220 0.15 -12.75 26.93
CA THR C 220 0.88 -12.74 28.19
C THR C 220 2.02 -13.75 28.13
N VAL C 221 3.13 -13.37 28.76
CA VAL C 221 4.40 -14.08 28.64
C VAL C 221 4.85 -14.51 30.02
N PHE C 222 5.21 -15.79 30.16
CA PHE C 222 5.86 -16.28 31.36
C PHE C 222 7.02 -17.18 30.99
N THR C 223 8.06 -17.19 31.83
CA THR C 223 9.28 -17.90 31.51
C THR C 223 9.95 -18.45 32.77
N VAL C 224 10.24 -19.75 32.76
CA VAL C 224 11.07 -20.42 33.76
C VAL C 224 12.43 -20.68 33.13
N THR C 225 13.50 -20.44 33.88
CA THR C 225 14.85 -20.53 33.32
C THR C 225 15.80 -21.18 34.32
N LEU C 226 16.53 -22.21 33.85
CA LEU C 226 17.53 -22.90 34.66
C LEU C 226 18.89 -22.81 33.98
N GLU C 227 19.91 -22.48 34.75
CA GLU C 227 21.28 -22.46 34.26
C GLU C 227 21.95 -23.81 34.51
N GLN C 228 23.08 -24.01 33.83
CA GLN C 228 23.94 -25.17 34.05
C GLN C 228 25.39 -24.71 34.12
N ARG C 229 26.05 -25.01 35.23
CA ARG C 229 27.47 -24.77 35.41
C ARG C 229 27.96 -25.71 36.51
N GLY C 230 29.17 -26.22 36.35
CA GLY C 230 29.76 -27.11 37.34
C GLY C 230 30.06 -26.44 38.66
N PRO C 241 33.26 -27.99 33.94
CA PRO C 241 34.29 -26.99 34.26
C PRO C 241 33.82 -25.57 34.02
N GLY C 242 32.52 -25.40 33.79
CA GLY C 242 31.97 -24.09 33.52
C GLY C 242 31.30 -23.98 32.17
N GLN C 243 30.80 -25.10 31.65
CA GLN C 243 30.10 -25.12 30.37
C GLN C 243 28.76 -24.39 30.52
N LEU C 244 28.64 -23.23 29.88
CA LEU C 244 27.48 -22.36 30.06
C LEU C 244 26.43 -22.72 29.01
N LEU C 245 25.50 -23.59 29.39
CA LEU C 245 24.35 -23.94 28.56
C LEU C 245 23.10 -23.74 29.40
N VAL C 246 22.39 -22.65 29.16
CA VAL C 246 21.25 -22.24 29.98
C VAL C 246 19.97 -22.65 29.27
N SER C 247 19.08 -23.31 30.03
CA SER C 247 17.82 -23.82 29.50
C SER C 247 16.66 -22.95 29.98
N LYS C 248 15.64 -22.82 29.15
CA LYS C 248 14.45 -22.04 29.47
C LYS C 248 13.20 -22.90 29.29
N PHE C 249 12.23 -22.69 30.18
CA PHE C 249 10.97 -23.45 30.19
C PHE C 249 9.86 -22.41 30.06
N HIS C 250 9.52 -22.08 28.82
CA HIS C 250 8.64 -20.96 28.56
C HIS C 250 7.18 -21.33 28.76
N PHE C 251 6.43 -20.42 29.38
CA PHE C 251 4.97 -20.48 29.46
C PHE C 251 4.43 -19.32 28.64
N VAL C 252 4.23 -19.56 27.37
CA VAL C 252 3.66 -18.59 26.45
C VAL C 252 2.15 -18.71 26.51
N ASP C 253 1.45 -17.58 26.59
CA ASP C 253 -0.01 -17.58 26.60
C ASP C 253 -0.48 -16.55 25.57
N LEU C 254 -0.99 -17.06 24.44
CA LEU C 254 -1.28 -16.25 23.26
C LEU C 254 -2.63 -15.55 23.36
N ALA C 255 -3.07 -14.99 22.24
CA ALA C 255 -4.38 -14.37 22.12
C ALA C 255 -5.38 -15.38 21.58
N GLY C 256 -6.57 -14.88 21.23
CA GLY C 256 -7.60 -15.76 20.69
C GLY C 256 -7.38 -16.08 19.22
N SER C 257 -7.83 -17.28 18.83
CA SER C 257 -7.68 -17.73 17.46
C SER C 257 -8.66 -17.04 16.51
N GLU C 258 -9.73 -16.44 17.04
CA GLU C 258 -10.76 -15.86 16.20
C GLU C 258 -10.28 -14.58 15.53
N ARG C 259 -11.08 -14.11 14.58
CA ARG C 259 -10.75 -12.95 13.75
C ARG C 259 -11.95 -12.02 13.72
N VAL C 260 -11.74 -10.75 14.03
CA VAL C 260 -12.81 -9.78 14.19
C VAL C 260 -12.82 -8.87 12.96
N LEU C 261 -13.99 -8.73 12.33
CA LEU C 261 -14.07 -7.96 11.10
C LEU C 261 -14.05 -6.46 11.40
N LYS C 262 -14.86 -6.02 12.38
CA LYS C 262 -14.63 -4.82 13.19
C LYS C 262 -14.87 -3.50 12.45
N THR C 263 -15.10 -3.56 11.13
CA THR C 263 -14.72 -2.54 10.14
C THR C 263 -14.95 -1.08 10.54
N GLY C 264 -16.16 -0.70 10.90
CA GLY C 264 -16.39 0.58 11.56
C GLY C 264 -16.84 0.38 12.98
N SER C 265 -15.96 0.61 13.95
CA SER C 265 -16.33 0.47 15.35
C SER C 265 -16.26 1.81 16.09
N THR C 266 -15.08 2.43 16.15
CA THR C 266 -14.90 3.76 16.73
C THR C 266 -13.93 4.52 15.82
N GLY C 267 -14.47 5.15 14.78
CA GLY C 267 -13.67 5.97 13.87
C GLY C 267 -12.58 5.22 13.13
N GLU C 268 -11.32 5.50 13.53
CA GLU C 268 -10.15 4.89 12.93
C GLU C 268 -9.45 3.96 13.92
N ARG C 269 -10.07 3.68 15.07
CA ARG C 269 -9.41 3.03 16.18
C ARG C 269 -9.54 1.52 16.15
N LEU C 270 -9.55 0.93 14.95
CA LEU C 270 -9.50 -0.52 14.75
C LEU C 270 -8.06 -1.04 14.74
N LYS C 271 -7.14 -0.36 15.42
CA LYS C 271 -5.74 -0.74 15.50
C LYS C 271 -5.53 -2.01 16.32
N GLU C 272 -6.50 -2.38 17.17
CA GLU C 272 -6.42 -3.66 17.87
C GLU C 272 -6.58 -4.82 16.88
N SER C 273 -7.50 -4.67 15.93
CA SER C 273 -7.61 -5.60 14.82
C SER C 273 -6.35 -5.59 13.95
N ILE C 274 -5.72 -4.42 13.81
CA ILE C 274 -4.47 -4.33 13.06
C ILE C 274 -3.36 -5.08 13.80
N GLN C 275 -3.35 -5.02 15.13
CA GLN C 275 -2.37 -5.74 15.94
C GLN C 275 -2.51 -7.24 15.79
N ILE C 276 -3.71 -7.78 16.09
CA ILE C 276 -3.85 -9.23 16.05
C ILE C 276 -3.80 -9.76 14.62
N ASN C 277 -4.31 -8.99 13.64
CA ASN C 277 -4.32 -9.48 12.28
C ASN C 277 -2.91 -9.45 11.69
N SER C 278 -2.13 -8.39 12.00
CA SER C 278 -0.75 -8.36 11.53
C SER C 278 0.10 -9.40 12.23
N SER C 279 -0.12 -9.60 13.53
CA SER C 279 0.68 -10.58 14.27
C SER C 279 0.38 -12.00 13.84
N LEU C 280 -0.87 -12.31 13.52
CA LEU C 280 -1.20 -13.66 13.12
C LEU C 280 -1.08 -13.90 11.63
N LEU C 281 -1.11 -12.85 10.79
CA LEU C 281 -0.70 -13.06 9.41
C LEU C 281 0.82 -13.19 9.31
N ALA C 282 1.57 -12.50 10.17
CA ALA C 282 3.01 -12.69 10.23
C ALA C 282 3.35 -14.09 10.72
N LEU C 283 2.72 -14.53 11.82
CA LEU C 283 2.91 -15.88 12.32
C LEU C 283 2.42 -16.93 11.33
N GLY C 284 1.37 -16.62 10.57
CA GLY C 284 0.91 -17.53 9.54
C GLY C 284 1.86 -17.63 8.37
N ASN C 285 2.52 -16.53 8.00
CA ASN C 285 3.55 -16.59 6.98
C ASN C 285 4.79 -17.29 7.49
N VAL C 286 5.02 -17.25 8.80
CA VAL C 286 6.12 -18.00 9.40
C VAL C 286 5.85 -19.50 9.35
N ILE C 287 4.66 -19.91 9.79
CA ILE C 287 4.37 -21.34 9.84
C ILE C 287 4.12 -21.90 8.43
N SER C 288 3.61 -21.07 7.52
CA SER C 288 3.46 -21.48 6.13
C SER C 288 4.79 -21.45 5.39
N ALA C 289 5.76 -20.69 5.89
CA ALA C 289 7.12 -20.84 5.44
C ALA C 289 7.74 -22.13 5.98
N LEU C 290 7.20 -22.68 7.05
CA LEU C 290 7.52 -24.05 7.44
C LEU C 290 6.61 -25.07 6.79
N GLY C 291 5.52 -24.64 6.17
CA GLY C 291 4.61 -25.53 5.47
C GLY C 291 5.23 -26.14 4.23
N ASP C 292 5.56 -25.30 3.27
CA ASP C 292 6.35 -25.73 2.13
C ASP C 292 7.80 -25.91 2.58
N PRO C 293 8.40 -27.08 2.38
CA PRO C 293 9.83 -27.24 2.66
C PRO C 293 10.74 -26.47 1.71
N GLN C 294 10.21 -25.99 0.57
CA GLN C 294 10.98 -25.07 -0.25
C GLN C 294 11.15 -23.72 0.44
N ARG C 295 10.18 -23.33 1.26
CA ARG C 295 10.19 -22.04 1.93
C ARG C 295 10.90 -22.06 3.28
N ARG C 296 11.29 -23.23 3.80
CA ARG C 296 11.95 -23.25 5.10
C ARG C 296 13.44 -22.97 5.02
N GLY C 297 13.97 -22.81 3.81
CA GLY C 297 15.28 -22.21 3.62
C GLY C 297 15.23 -20.73 3.36
N SER C 298 14.03 -20.16 3.27
CA SER C 298 13.86 -18.75 2.95
C SER C 298 14.00 -17.86 4.18
N HIS C 299 13.62 -16.59 4.03
CA HIS C 299 13.67 -15.63 5.12
C HIS C 299 12.41 -15.76 5.96
N ILE C 300 12.59 -16.01 7.25
CA ILE C 300 11.47 -16.15 8.19
C ILE C 300 11.21 -14.78 8.81
N PRO C 301 10.10 -14.13 8.51
CA PRO C 301 9.85 -12.75 9.00
C PRO C 301 9.44 -12.70 10.47
N TYR C 302 10.43 -12.83 11.35
CA TYR C 302 10.17 -12.69 12.79
C TYR C 302 9.88 -11.25 13.15
N ARG C 303 10.56 -10.32 12.49
CA ARG C 303 10.63 -8.87 12.70
C ARG C 303 9.33 -8.13 12.41
N ASP C 304 8.25 -8.80 12.04
CA ASP C 304 6.98 -8.14 11.85
C ASP C 304 6.22 -7.93 13.15
N SER C 305 6.50 -8.73 14.18
CA SER C 305 5.75 -8.67 15.40
C SER C 305 6.63 -9.08 16.57
N LYS C 306 6.24 -8.63 17.76
CA LYS C 306 7.02 -8.88 18.96
C LYS C 306 6.84 -10.30 19.46
N ILE C 307 5.61 -10.82 19.37
CA ILE C 307 5.34 -12.20 19.77
C ILE C 307 5.97 -13.19 18.80
N THR C 308 6.28 -12.76 17.58
CA THR C 308 7.03 -13.61 16.66
C THR C 308 8.52 -13.56 16.97
N ARG C 309 9.02 -12.42 17.41
CA ARG C 309 10.43 -12.33 17.78
C ARG C 309 10.72 -13.07 19.08
N ILE C 310 9.74 -13.15 19.98
CA ILE C 310 9.97 -13.89 21.21
C ILE C 310 9.90 -15.40 20.96
N LEU C 311 9.29 -15.83 19.85
CA LEU C 311 9.26 -17.23 19.46
C LEU C 311 10.32 -17.56 18.42
N LYS C 312 11.37 -16.74 18.29
CA LYS C 312 12.36 -16.98 17.26
C LYS C 312 13.21 -18.21 17.57
N ASP C 313 13.93 -18.18 18.70
CA ASP C 313 14.68 -19.34 19.11
C ASP C 313 13.79 -20.46 19.65
N SER C 314 12.56 -20.12 20.03
CA SER C 314 11.62 -21.13 20.49
C SER C 314 11.18 -22.05 19.36
N LEU C 315 11.10 -21.51 18.15
CA LEU C 315 10.62 -22.27 16.99
C LEU C 315 11.81 -22.98 16.37
N GLY C 316 11.98 -24.24 16.74
CA GLY C 316 13.10 -25.02 16.24
C GLY C 316 14.39 -24.66 16.94
N GLY C 317 15.50 -25.02 16.29
CA GLY C 317 16.81 -24.83 16.87
C GLY C 317 17.06 -25.86 17.95
N ASN C 318 17.69 -25.43 19.06
CA ASN C 318 17.91 -26.32 20.18
C ASN C 318 16.68 -26.43 21.09
N ALA C 319 15.59 -25.73 20.76
CA ALA C 319 14.43 -25.66 21.63
C ALA C 319 13.57 -26.92 21.50
N LYS C 320 12.54 -26.97 22.35
CA LYS C 320 11.56 -28.04 22.35
C LYS C 320 10.17 -27.42 22.23
N THR C 321 9.35 -27.96 21.34
CA THR C 321 8.10 -27.34 20.94
C THR C 321 6.96 -28.34 21.01
N VAL C 322 5.92 -28.00 21.76
CA VAL C 322 4.67 -28.75 21.78
C VAL C 322 3.54 -27.79 21.44
N MET C 323 2.81 -28.09 20.37
CA MET C 323 1.71 -27.25 19.93
C MET C 323 0.40 -27.76 20.53
N ILE C 324 -0.35 -26.86 21.16
CA ILE C 324 -1.66 -27.15 21.71
C ILE C 324 -2.63 -26.10 21.20
N ALA C 325 -3.66 -26.55 20.48
CA ALA C 325 -4.72 -25.67 20.01
C ALA C 325 -6.04 -26.16 20.59
N CYS C 326 -6.58 -25.40 21.53
CA CYS C 326 -7.83 -25.77 22.21
C CYS C 326 -8.99 -25.64 21.24
N VAL C 327 -9.51 -26.79 20.80
CA VAL C 327 -10.59 -26.83 19.80
C VAL C 327 -11.93 -26.99 20.52
N SER C 328 -12.98 -26.48 19.89
CA SER C 328 -14.34 -26.41 20.42
C SER C 328 -15.17 -27.61 19.98
N PRO C 329 -15.98 -28.17 20.88
CA PRO C 329 -16.72 -29.39 20.55
C PRO C 329 -18.00 -29.16 19.76
N SER C 330 -18.65 -28.02 19.97
CA SER C 330 -20.02 -27.83 19.49
C SER C 330 -20.05 -27.31 18.07
N SER C 331 -21.22 -27.47 17.44
CA SER C 331 -21.44 -27.01 16.07
C SER C 331 -21.67 -25.51 15.97
N SER C 332 -21.84 -24.82 17.10
CA SER C 332 -21.95 -23.36 17.08
C SER C 332 -20.64 -22.71 16.68
N ASP C 333 -19.52 -23.38 16.95
CA ASP C 333 -18.20 -22.91 16.61
C ASP C 333 -17.63 -23.68 15.42
N PHE C 334 -18.47 -24.02 14.45
CA PHE C 334 -18.12 -24.96 13.39
C PHE C 334 -17.04 -24.39 12.46
N ASP C 335 -17.33 -23.26 11.81
CA ASP C 335 -16.36 -22.70 10.87
C ASP C 335 -15.17 -22.07 11.58
N GLU C 336 -15.34 -21.61 12.82
CA GLU C 336 -14.20 -21.06 13.55
C GLU C 336 -13.25 -22.16 14.01
N THR C 337 -13.79 -23.30 14.46
CA THR C 337 -12.97 -24.45 14.77
C THR C 337 -12.36 -25.04 13.49
N LEU C 338 -13.05 -24.89 12.35
CA LEU C 338 -12.45 -25.24 11.07
C LEU C 338 -11.25 -24.37 10.74
N ASN C 339 -11.36 -23.06 10.98
CA ASN C 339 -10.22 -22.17 10.78
C ASN C 339 -9.08 -22.51 11.74
N THR C 340 -9.44 -22.93 12.96
CA THR C 340 -8.44 -23.38 13.92
C THR C 340 -7.75 -24.66 13.46
N LEU C 341 -8.52 -25.61 12.91
CA LEU C 341 -7.93 -26.85 12.43
C LEU C 341 -7.10 -26.64 11.17
N ASN C 342 -7.51 -25.70 10.32
CA ASN C 342 -6.71 -25.32 9.16
C ASN C 342 -5.41 -24.68 9.61
N TYR C 343 -5.47 -23.85 10.65
CA TYR C 343 -4.29 -23.20 11.18
C TYR C 343 -3.33 -24.22 11.80
N ALA C 344 -3.87 -25.22 12.51
CA ALA C 344 -3.03 -26.23 13.12
C ALA C 344 -2.49 -27.22 12.10
N SER C 345 -3.28 -27.52 11.06
CA SER C 345 -2.80 -28.40 10.00
C SER C 345 -1.73 -27.72 9.15
N ARG C 346 -1.78 -26.39 9.04
CA ARG C 346 -0.67 -25.69 8.39
C ARG C 346 0.52 -25.51 9.32
N ALA C 347 0.27 -25.40 10.62
CA ALA C 347 1.34 -25.20 11.58
C ALA C 347 1.58 -26.42 12.44
N GLN C 348 0.49 -27.07 12.84
CA GLN C 348 0.61 -28.29 13.66
C GLN C 348 1.58 -29.09 12.89
N ASN C 349 2.69 -29.43 13.55
CA ASN C 349 3.79 -30.23 12.90
C ASN C 349 4.51 -30.90 14.04
#